data_5JT1
#
_entry.id   5JT1
#
_cell.length_a   106.778
_cell.length_b   63.183
_cell.length_c   110.664
_cell.angle_alpha   90.00
_cell.angle_beta   105.27
_cell.angle_gamma   90.00
#
_symmetry.space_group_name_H-M   'C 1 2 1'
#
loop_
_entity.id
_entity.type
_entity.pdbx_description
1 polymer 'Periplasmic [NiFeSe] hydrogenase, small subunit'
2 polymer 'Periplasmic [NiFeSe] hydrogenase, large subunit, selenocysteine-containing'
3 non-polymer 'IRON/SULFUR CLUSTER'
4 non-polymer 'oxygen-damaged SF4'
5 non-polymer 'CARBONMONOXIDE-(DICYANO) IRON'
6 non-polymer 'NICKEL (II) ION'
7 non-polymer 'FE (II) ION'
8 non-polymer 'HYDROSULFURIC ACID'
9 water water
#
loop_
_entity_poly.entity_id
_entity_poly.type
_entity_poly.pdbx_seq_one_letter_code
_entity_poly.pdbx_strand_id
1 'polypeptide(L)'
;MSLTRRDFVKLCTGTVAGFGISQMFHPAVHEALAGTLTGERPPVFWLQGQGCTGCSVTLLNSVHPSIADVLLKVISLEFH
PTVMAWEGEHAIEHMRKVAEKFKGKFFLVIEGSVPVEADGKYCIIGEANHHEISMVDALKEFGPNAAAVLAVGTCAAYGG
IPAAEGSETGATAVSKFLGDNGIKTPVVNIPGCPPHPDWIVGTVVLALDAIKKNGLEGGLAEVVKVLDSDGRPTPFFGRN
IHENCPYLDKYDEGVMSATFTDKVGCRYDLGCKGPMTMADCFERKWNGGVNWCVQNAVCIGCVEPDFPDGKSPFYQA
;
A
2 'polypeptide(L)'
;WSHPQFEKGATGRTTIAIDPVTRIEGHLKAEVVVENGKVVDARLSGGMYRGFETILRGRDPRDASQIVQRI(CSX)GVCP
TAHSTASVLALDEAFGAKVPNNGRITRNLIFGANYLQSHILHFYHLSAQDFVQGPDTAPFVPRFPKSDLRLSKELNKAGV
DQYIEALEVRRICHEMVALFGGRMPHVQGQVVGGATEIPTKEKLVEYAARFKKVRDFVEQKYVPVVYTIGSKYKDMFKVG
QGFKAALCVGAFPLDNSGKKHLFMPGVYAKGKDMPFDPSKIKEYVKYSWFAEETTGLNYKEGKTIPAPDKAGAYSFVKAP
RYDGLSLEVGPLARMWVNNPELSPVGKKLLKDLFGISAKKFRDLGEEAAFSLMGRHVARAEETYYMLGAIEGWLKEIKAG
EDTVVMPAVPASAEGTGFTEAPRGSLLHYVKVKDSKIDNYQIVSASLWNCNPRDDMGQRGAVEEALIGIPVDDIQNPVNV
ARLIRAFDPCLGCAVHVLHAESGKVAVIEVK
;
B
#
loop_
_chem_comp.id
_chem_comp.type
_chem_comp.name
_chem_comp.formula
6ML non-polymer 'oxygen-damaged SF4' 'Fe4 O2 S4'
FCO non-polymer 'CARBONMONOXIDE-(DICYANO) IRON' 'C3 Fe N2 O'
FE2 non-polymer 'FE (II) ION' 'Fe 2'
H2S non-polymer 'HYDROSULFURIC ACID' 'H2 S'
NI non-polymer 'NICKEL (II) ION' 'Ni 2'
SF4 non-polymer 'IRON/SULFUR CLUSTER' 'Fe4 S4'
#
# COMPACT_ATOMS: atom_id res chain seq x y z
N GLY A 35 16.56 23.06 -8.87
CA GLY A 35 17.73 22.53 -8.11
C GLY A 35 18.84 21.96 -8.98
N THR A 36 19.90 21.47 -8.34
CA THR A 36 20.98 20.76 -9.01
C THR A 36 21.38 19.55 -8.17
N LEU A 37 22.00 18.58 -8.83
CA LEU A 37 22.59 17.46 -8.10
C LEU A 37 23.63 17.94 -7.10
N THR A 38 24.17 19.15 -7.31
CA THR A 38 25.28 19.69 -6.52
C THR A 38 24.84 20.79 -5.55
N GLY A 39 23.54 20.98 -5.33
CA GLY A 39 23.05 22.06 -4.50
C GLY A 39 22.82 21.63 -3.05
N GLU A 40 22.46 22.61 -2.22
CA GLU A 40 22.22 22.37 -0.81
C GLU A 40 20.85 21.71 -0.65
N ARG A 41 20.82 20.54 -0.01
CA ARG A 41 19.58 19.79 0.19
C ARG A 41 19.48 19.39 1.65
N PRO A 42 18.50 19.88 2.39
CA PRO A 42 18.46 19.59 3.82
C PRO A 42 18.10 18.14 4.07
N PRO A 43 18.59 17.55 5.17
CA PRO A 43 18.26 16.16 5.49
C PRO A 43 16.83 16.01 5.98
N VAL A 44 16.18 14.94 5.52
CA VAL A 44 14.80 14.60 5.89
C VAL A 44 14.78 13.16 6.39
N PHE A 45 14.13 12.94 7.54
CA PHE A 45 13.78 11.59 7.98
C PHE A 45 12.27 11.44 7.89
N TRP A 46 11.82 10.34 7.29
CA TRP A 46 10.40 10.06 7.12
C TRP A 46 10.06 8.85 7.97
N LEU A 47 9.31 9.07 9.05
CA LEU A 47 8.93 8.00 9.98
C LEU A 47 7.45 7.66 9.79
N GLN A 48 7.15 6.38 9.65
CA GLN A 48 5.78 5.93 9.50
C GLN A 48 5.32 5.35 10.84
N GLY A 49 4.24 5.90 11.38
CA GLY A 49 3.56 5.29 12.51
C GLY A 49 2.41 4.44 12.04
N GLN A 50 1.18 4.75 12.49
CA GLN A 50 -0.02 4.04 12.02
C GLN A 50 -0.51 4.64 10.70
N GLY A 51 0.32 4.47 9.68
CA GLY A 51 0.00 4.90 8.33
C GLY A 51 -0.26 3.73 7.39
N CYS A 52 -0.75 4.09 6.19
CA CYS A 52 -1.05 3.12 5.14
C CYS A 52 -0.08 3.21 3.96
N THR A 53 0.91 4.12 4.02
CA THR A 53 1.88 4.40 2.96
C THR A 53 1.26 5.26 1.87
N GLY A 54 -0.01 5.65 2.01
CA GLY A 54 -0.65 6.46 0.97
C GLY A 54 -0.08 7.85 0.88
N CYS A 55 0.47 8.36 1.97
N CYS A 55 0.43 8.39 1.99
CA CYS A 55 1.06 9.68 1.95
CA CYS A 55 1.12 9.68 1.92
C CYS A 55 2.44 9.67 1.25
C CYS A 55 2.36 9.58 1.06
N SER A 56 3.16 8.53 1.26
CA SER A 56 4.34 8.35 0.44
C SER A 56 3.95 8.17 -1.03
N VAL A 57 2.95 7.33 -1.30
CA VAL A 57 2.55 7.06 -2.68
C VAL A 57 2.03 8.33 -3.36
N THR A 58 1.22 9.13 -2.64
CA THR A 58 0.72 10.36 -3.26
C THR A 58 1.87 11.27 -3.67
N LEU A 59 2.94 11.32 -2.85
CA LEU A 59 4.09 12.17 -3.16
C LEU A 59 4.79 11.68 -4.41
N LEU A 60 4.87 10.36 -4.59
CA LEU A 60 5.43 9.80 -5.82
C LEU A 60 4.69 10.28 -7.06
N ASN A 61 3.44 10.73 -6.92
CA ASN A 61 2.64 11.20 -8.05
C ASN A 61 2.87 12.67 -8.41
N SER A 62 3.79 13.38 -7.74
CA SER A 62 4.03 14.79 -8.04
C SER A 62 4.39 14.99 -9.52
N VAL A 63 3.73 15.96 -10.17
CA VAL A 63 4.01 16.23 -11.57
C VAL A 63 5.16 17.22 -11.72
N HIS A 64 5.03 18.38 -11.10
N HIS A 64 4.97 18.44 -11.25
CA HIS A 64 6.01 19.48 -11.25
CA HIS A 64 6.10 19.35 -11.20
C HIS A 64 6.31 20.14 -9.88
C HIS A 64 6.28 19.98 -9.83
N PRO A 65 7.47 19.84 -9.26
CA PRO A 65 8.59 19.02 -9.74
C PRO A 65 8.27 17.53 -9.66
N SER A 66 8.91 16.74 -10.52
CA SER A 66 8.79 15.29 -10.44
C SER A 66 9.43 14.81 -9.15
N ILE A 67 9.01 13.62 -8.69
CA ILE A 67 9.59 13.07 -7.48
C ILE A 67 11.08 12.82 -7.65
N ALA A 68 11.52 12.45 -8.86
CA ALA A 68 12.96 12.29 -9.07
C ALA A 68 13.69 13.58 -8.77
N ASP A 69 13.16 14.71 -9.26
CA ASP A 69 13.79 16.01 -9.01
C ASP A 69 13.74 16.39 -7.54
N VAL A 70 12.63 16.08 -6.86
CA VAL A 70 12.59 16.32 -5.41
C VAL A 70 13.71 15.57 -4.69
N LEU A 71 13.87 14.28 -4.98
CA LEU A 71 14.84 13.44 -4.27
C LEU A 71 16.27 13.81 -4.60
N LEU A 72 16.54 14.18 -5.86
CA LEU A 72 17.92 14.39 -6.30
C LEU A 72 18.35 15.84 -6.23
N LYS A 73 17.39 16.77 -6.16
CA LYS A 73 17.69 18.20 -6.26
C LYS A 73 17.12 19.07 -5.15
N VAL A 74 16.14 18.62 -4.36
CA VAL A 74 15.46 19.48 -3.40
C VAL A 74 15.76 19.08 -1.95
N ILE A 75 15.57 17.80 -1.61
CA ILE A 75 15.79 17.29 -0.25
C ILE A 75 16.81 16.17 -0.32
N SER A 76 17.40 15.82 0.84
CA SER A 76 18.17 14.60 1.01
C SER A 76 17.39 13.67 1.93
N LEU A 77 16.73 12.68 1.32
CA LEU A 77 15.87 11.74 2.05
C LEU A 77 16.76 10.65 2.64
N GLU A 78 17.14 10.87 3.90
CA GLU A 78 18.19 10.06 4.53
C GLU A 78 17.64 8.79 5.15
N PHE A 79 16.38 8.82 5.60
CA PHE A 79 15.72 7.64 6.16
C PHE A 79 14.29 7.63 5.62
N HIS A 80 13.89 6.51 5.04
CA HIS A 80 12.52 6.28 4.61
C HIS A 80 12.39 4.78 4.43
N PRO A 81 11.59 4.09 5.24
CA PRO A 81 11.62 2.61 5.20
C PRO A 81 11.14 2.01 3.91
N THR A 82 10.31 2.69 3.14
CA THR A 82 9.75 2.10 1.93
C THR A 82 10.75 2.13 0.77
N VAL A 83 11.69 3.09 0.73
CA VAL A 83 12.48 3.28 -0.48
C VAL A 83 13.99 3.26 -0.27
N MET A 84 14.47 3.30 0.99
CA MET A 84 15.91 3.43 1.22
C MET A 84 16.66 2.12 0.98
N ALA A 85 17.95 2.25 0.64
CA ALA A 85 18.79 1.11 0.30
C ALA A 85 19.04 0.19 1.49
N TRP A 86 19.49 0.73 2.63
CA TRP A 86 19.88 -0.10 3.76
C TRP A 86 18.66 -0.52 4.56
N GLU A 87 18.90 -1.19 5.68
CA GLU A 87 17.81 -1.88 6.38
C GLU A 87 18.16 -2.05 7.86
N GLY A 88 17.13 -2.33 8.65
CA GLY A 88 17.31 -2.78 10.02
C GLY A 88 18.07 -1.80 10.90
N GLU A 89 18.86 -2.36 11.81
CA GLU A 89 19.59 -1.55 12.77
C GLU A 89 20.58 -0.61 12.07
N HIS A 90 21.06 -1.02 10.90
CA HIS A 90 21.99 -0.17 10.15
C HIS A 90 21.30 1.09 9.64
N ALA A 91 20.05 0.97 9.21
CA ALA A 91 19.27 2.12 8.76
C ALA A 91 18.96 3.04 9.93
N ILE A 92 18.60 2.45 11.08
CA ILE A 92 18.33 3.24 12.29
C ILE A 92 19.57 4.00 12.70
N GLU A 93 20.72 3.33 12.70
CA GLU A 93 21.95 3.99 13.13
C GLU A 93 22.37 5.07 12.13
N HIS A 94 22.12 4.86 10.84
CA HIS A 94 22.42 5.90 9.87
C HIS A 94 21.62 7.16 10.18
N MET A 95 20.31 7.00 10.44
CA MET A 95 19.49 8.13 10.84
C MET A 95 20.05 8.80 12.10
N ARG A 96 20.48 8.02 13.08
CA ARG A 96 20.99 8.60 14.32
C ARG A 96 22.28 9.39 14.09
N LYS A 97 23.13 8.91 13.18
CA LYS A 97 24.37 9.63 12.87
C LYS A 97 24.08 10.94 12.16
N VAL A 98 23.17 10.92 11.17
CA VAL A 98 22.76 12.18 10.53
C VAL A 98 22.12 13.11 11.55
N ALA A 99 21.26 12.58 12.42
CA ALA A 99 20.58 13.41 13.41
C ALA A 99 21.57 14.13 14.33
N GLU A 100 22.67 13.47 14.69
CA GLU A 100 23.66 14.11 15.53
C GLU A 100 24.40 15.20 14.77
N LYS A 101 24.74 14.92 13.50
CA LYS A 101 25.47 15.91 12.70
C LYS A 101 24.61 17.13 12.41
N PHE A 102 23.31 16.94 12.22
CA PHE A 102 22.38 18.00 11.86
C PHE A 102 21.39 18.30 12.99
N LYS A 103 21.86 18.21 14.23
CA LYS A 103 20.98 18.45 15.37
C LYS A 103 20.36 19.84 15.29
N GLY A 104 19.03 19.91 15.40
CA GLY A 104 18.31 21.16 15.27
C GLY A 104 17.98 21.58 13.86
N LYS A 105 18.42 20.84 12.85
CA LYS A 105 18.34 21.29 11.47
C LYS A 105 17.65 20.33 10.52
N PHE A 106 17.39 19.09 10.92
CA PHE A 106 16.76 18.16 10.00
C PHE A 106 15.24 18.33 10.04
N PHE A 107 14.60 17.94 8.95
CA PHE A 107 13.15 17.91 8.90
C PHE A 107 12.65 16.50 9.17
N LEU A 108 11.67 16.41 10.02
CA LEU A 108 11.08 15.13 10.41
C LEU A 108 9.65 15.08 9.85
N VAL A 109 9.42 14.17 8.90
CA VAL A 109 8.08 13.92 8.38
C VAL A 109 7.49 12.76 9.17
N ILE A 110 6.25 12.92 9.63
CA ILE A 110 5.52 11.82 10.25
C ILE A 110 4.31 11.50 9.38
N GLU A 111 4.18 10.21 9.03
N GLU A 111 4.18 10.23 9.02
CA GLU A 111 3.07 9.64 8.25
CA GLU A 111 2.94 9.71 8.48
C GLU A 111 2.39 8.60 9.14
C GLU A 111 2.32 8.78 9.50
N GLY A 112 1.12 8.84 9.51
N GLY A 112 0.99 8.71 9.50
CA GLY A 112 0.37 8.00 10.41
CA GLY A 112 0.30 7.88 10.43
C GLY A 112 0.25 8.60 11.82
C GLY A 112 0.28 8.49 11.83
N SER A 113 -0.69 8.05 12.62
CA SER A 113 -0.86 8.47 13.99
C SER A 113 0.14 7.73 14.91
N VAL A 114 0.22 8.20 16.15
CA VAL A 114 1.14 7.65 17.15
CA VAL A 114 1.14 7.64 17.15
C VAL A 114 0.29 6.98 18.24
N PRO A 115 0.32 5.63 18.36
CA PRO A 115 -0.52 4.97 19.36
C PRO A 115 0.16 4.90 20.72
N VAL A 116 -0.53 5.37 21.76
CA VAL A 116 0.08 5.44 23.09
C VAL A 116 -0.35 4.30 24.01
N GLU A 117 -1.37 3.52 23.66
CA GLU A 117 -1.80 2.45 24.56
C GLU A 117 -0.77 1.33 24.62
N ALA A 118 -0.87 0.52 25.67
CA ALA A 118 0.00 -0.65 25.82
C ALA A 118 1.48 -0.29 25.69
N ASP A 119 1.86 0.82 26.33
CA ASP A 119 3.25 1.27 26.36
CA ASP A 119 3.26 1.28 26.36
C ASP A 119 3.86 1.40 24.97
N GLY A 120 3.05 1.78 23.99
CA GLY A 120 3.52 2.03 22.63
C GLY A 120 3.59 0.82 21.72
N LYS A 121 3.23 -0.36 22.24
CA LYS A 121 3.43 -1.62 21.54
C LYS A 121 2.62 -1.77 20.27
N TYR A 122 1.61 -0.91 20.02
CA TYR A 122 0.85 -1.05 18.78
C TYR A 122 1.58 -0.48 17.56
N CYS A 123 2.78 0.11 17.73
CA CYS A 123 3.59 0.50 16.57
C CYS A 123 5.07 0.45 16.92
N ILE A 124 5.76 -0.62 16.48
CA ILE A 124 7.21 -0.76 16.63
C ILE A 124 7.83 -0.46 15.26
N ILE A 125 8.76 0.50 15.22
CA ILE A 125 9.33 0.97 13.96
CA ILE A 125 9.33 0.98 13.96
C ILE A 125 10.74 0.46 13.72
N GLY A 126 11.36 -0.19 14.69
CA GLY A 126 12.70 -0.67 14.47
C GLY A 126 13.26 -1.31 15.72
N GLU A 127 14.50 -1.78 15.58
CA GLU A 127 15.21 -2.42 16.67
C GLU A 127 16.69 -2.13 16.50
N ALA A 128 17.32 -1.67 17.58
CA ALA A 128 18.75 -1.45 17.60
C ALA A 128 19.26 -1.74 19.00
N ASN A 129 20.46 -2.30 19.08
CA ASN A 129 21.07 -2.59 20.37
C ASN A 129 20.20 -3.56 21.19
N HIS A 130 19.52 -4.47 20.49
CA HIS A 130 18.60 -5.44 21.11
C HIS A 130 17.41 -4.78 21.80
N HIS A 131 17.10 -3.53 21.48
CA HIS A 131 15.97 -2.82 22.06
C HIS A 131 15.00 -2.42 20.96
N GLU A 132 13.72 -2.77 21.14
CA GLU A 132 12.70 -2.34 20.20
C GLU A 132 12.45 -0.85 20.39
N ILE A 133 12.08 -0.19 19.30
CA ILE A 133 11.83 1.26 19.24
C ILE A 133 10.39 1.45 18.79
N SER A 134 9.54 1.91 19.71
CA SER A 134 8.16 2.21 19.36
C SER A 134 8.08 3.58 18.69
N MET A 135 6.94 3.88 18.05
N MET A 135 6.93 3.85 18.06
CA MET A 135 6.79 5.22 17.50
CA MET A 135 6.71 5.17 17.50
C MET A 135 6.75 6.29 18.59
C MET A 135 6.77 6.25 18.59
N VAL A 136 6.21 5.95 19.77
CA VAL A 136 6.32 6.85 20.91
C VAL A 136 7.79 7.16 21.20
N ASP A 137 8.62 6.11 21.34
CA ASP A 137 10.05 6.30 21.59
C ASP A 137 10.70 7.16 20.53
N ALA A 138 10.40 6.86 19.26
CA ALA A 138 11.06 7.55 18.15
C ALA A 138 10.71 9.03 18.12
N LEU A 139 9.44 9.36 18.35
CA LEU A 139 9.07 10.77 18.33
CA LEU A 139 9.06 10.77 18.35
C LEU A 139 9.69 11.51 19.52
N LYS A 140 9.77 10.85 20.69
CA LYS A 140 10.44 11.47 21.83
C LYS A 140 11.94 11.66 21.57
N GLU A 141 12.55 10.79 20.76
CA GLU A 141 13.99 10.88 20.48
C GLU A 141 14.29 11.97 19.44
N PHE A 142 13.64 11.88 18.27
CA PHE A 142 13.96 12.79 17.17
C PHE A 142 13.18 14.08 17.19
N GLY A 143 11.97 14.08 17.73
CA GLY A 143 11.14 15.26 17.76
C GLY A 143 11.80 16.51 18.34
N PRO A 144 12.45 16.38 19.50
CA PRO A 144 13.08 17.55 20.14
C PRO A 144 14.18 18.17 19.32
N ASN A 145 14.80 17.41 18.40
CA ASN A 145 16.00 17.82 17.68
C ASN A 145 15.73 18.17 16.23
N ALA A 146 14.48 18.10 15.79
CA ALA A 146 14.13 18.49 14.44
C ALA A 146 14.04 20.01 14.34
N ALA A 147 14.34 20.54 13.16
CA ALA A 147 14.04 21.93 12.88
C ALA A 147 12.53 22.16 12.89
N ALA A 148 11.79 21.21 12.32
CA ALA A 148 10.34 21.25 12.25
C ALA A 148 9.85 19.83 12.02
N VAL A 149 8.63 19.58 12.45
CA VAL A 149 7.93 18.31 12.20
C VAL A 149 6.81 18.62 11.22
N LEU A 150 6.79 17.89 10.10
CA LEU A 150 5.72 17.97 9.12
C LEU A 150 4.83 16.76 9.32
N ALA A 151 3.61 17.01 9.83
CA ALA A 151 2.62 15.96 10.05
C ALA A 151 1.85 15.82 8.73
N VAL A 152 2.22 14.81 7.95
CA VAL A 152 1.68 14.61 6.62
CA VAL A 152 1.66 14.62 6.61
C VAL A 152 0.53 13.61 6.69
N GLY A 153 -0.63 13.99 6.17
CA GLY A 153 -1.82 13.18 6.21
C GLY A 153 -2.69 13.48 7.41
N THR A 154 -3.97 13.19 7.26
CA THR A 154 -4.94 13.38 8.33
C THR A 154 -4.66 12.52 9.55
N CYS A 155 -4.11 11.31 9.39
CA CYS A 155 -3.79 10.50 10.56
C CYS A 155 -2.79 11.22 11.47
N ALA A 156 -1.67 11.66 10.89
CA ALA A 156 -0.65 12.37 11.66
C ALA A 156 -1.16 13.71 12.15
N ALA A 157 -1.92 14.42 11.31
CA ALA A 157 -2.32 15.77 11.70
C ALA A 157 -3.35 15.75 12.80
N TYR A 158 -4.34 14.85 12.70
CA TYR A 158 -5.54 14.93 13.52
C TYR A 158 -5.98 13.62 14.15
N GLY A 159 -5.32 12.50 13.86
CA GLY A 159 -5.70 11.19 14.38
C GLY A 159 -6.28 10.29 13.30
N GLY A 160 -7.23 10.84 12.54
CA GLY A 160 -7.77 10.16 11.36
C GLY A 160 -8.46 8.83 11.65
N ILE A 161 -8.42 7.95 10.66
CA ILE A 161 -9.11 6.67 10.80
C ILE A 161 -8.61 5.85 11.98
N PRO A 162 -7.30 5.78 12.27
CA PRO A 162 -6.88 4.96 13.43
C PRO A 162 -7.40 5.47 14.76
N ALA A 163 -7.80 6.73 14.86
CA ALA A 163 -8.35 7.30 16.08
C ALA A 163 -9.87 7.31 16.09
N ALA A 164 -10.52 6.78 15.06
CA ALA A 164 -11.97 6.90 14.93
C ALA A 164 -12.71 5.93 15.85
N GLU A 165 -14.02 6.11 15.92
CA GLU A 165 -14.84 5.30 16.82
C GLU A 165 -14.64 3.82 16.54
N GLY A 166 -14.46 3.03 17.61
CA GLY A 166 -14.22 1.60 17.50
C GLY A 166 -12.76 1.23 17.60
N SER A 167 -11.87 2.21 17.58
CA SER A 167 -10.43 1.97 17.73
C SER A 167 -10.09 1.82 19.20
N GLU A 168 -8.94 1.16 19.48
CA GLU A 168 -8.53 0.94 20.86
C GLU A 168 -7.02 1.03 21.06
N THR A 169 -6.29 1.72 20.18
CA THR A 169 -4.83 1.79 20.29
C THR A 169 -4.32 3.10 20.89
N GLY A 170 -5.19 4.03 21.24
CA GLY A 170 -4.73 5.33 21.67
C GLY A 170 -4.04 6.12 20.58
N ALA A 171 -4.50 5.96 19.35
CA ALA A 171 -3.95 6.71 18.22
C ALA A 171 -4.07 8.21 18.48
N THR A 172 -2.93 8.90 18.40
CA THR A 172 -2.80 10.31 18.78
C THR A 172 -2.17 11.12 17.65
N ALA A 173 -2.68 12.34 17.44
CA ALA A 173 -2.11 13.26 16.46
C ALA A 173 -0.73 13.73 16.94
N VAL A 174 0.12 14.07 15.97
CA VAL A 174 1.50 14.49 16.26
C VAL A 174 1.53 15.69 17.19
N SER A 175 0.82 16.76 16.86
CA SER A 175 0.93 17.96 17.68
C SER A 175 0.51 17.70 19.12
N LYS A 176 -0.53 16.90 19.33
CA LYS A 176 -0.98 16.59 20.68
C LYS A 176 0.04 15.74 21.42
N PHE A 177 0.60 14.73 20.76
CA PHE A 177 1.62 13.90 21.38
C PHE A 177 2.82 14.75 21.80
N LEU A 178 3.31 15.60 20.90
CA LEU A 178 4.48 16.39 21.25
C LEU A 178 4.16 17.33 22.41
N GLY A 179 3.01 18.01 22.33
CA GLY A 179 2.60 18.90 23.42
C GLY A 179 2.47 18.19 24.75
N ASP A 180 1.84 17.01 24.77
CA ASP A 180 1.69 16.22 25.98
C ASP A 180 3.04 15.85 26.58
N ASN A 181 4.09 15.83 25.77
CA ASN A 181 5.40 15.39 26.21
C ASN A 181 6.38 16.53 26.35
N GLY A 182 5.90 17.76 26.31
CA GLY A 182 6.72 18.92 26.55
C GLY A 182 7.66 19.26 25.42
N ILE A 183 7.39 18.77 24.20
CA ILE A 183 8.28 18.97 23.07
C ILE A 183 7.75 20.15 22.26
N LYS A 184 8.58 21.20 22.12
CA LYS A 184 8.15 22.49 21.61
C LYS A 184 8.43 22.72 20.13
N THR A 185 9.03 21.75 19.46
CA THR A 185 9.41 21.88 18.07
C THR A 185 8.19 22.26 17.21
N PRO A 186 8.34 23.20 16.28
CA PRO A 186 7.18 23.60 15.46
C PRO A 186 6.65 22.44 14.63
N VAL A 187 5.32 22.39 14.53
CA VAL A 187 4.61 21.42 13.72
C VAL A 187 3.82 22.13 12.62
N VAL A 188 3.89 21.60 11.41
CA VAL A 188 3.03 22.01 10.30
C VAL A 188 2.20 20.81 9.87
N ASN A 189 0.89 21.01 9.82
CA ASN A 189 -0.02 19.96 9.37
C ASN A 189 -0.27 20.09 7.87
N ILE A 190 -0.13 18.97 7.15
CA ILE A 190 -0.44 18.91 5.73
CA ILE A 190 -0.44 18.91 5.73
C ILE A 190 -1.43 17.76 5.55
N PRO A 191 -2.71 17.97 5.85
CA PRO A 191 -3.68 16.87 5.92
C PRO A 191 -4.27 16.50 4.56
N GLY A 192 -5.25 15.61 4.62
CA GLY A 192 -5.71 14.89 3.45
C GLY A 192 -5.53 13.39 3.64
N CYS A 193 -6.38 12.60 3.01
CA CYS A 193 -6.31 11.15 3.16
C CYS A 193 -6.46 10.53 1.77
N PRO A 194 -5.39 10.60 0.96
CA PRO A 194 -4.11 11.24 1.24
C PRO A 194 -4.11 12.72 0.85
N PRO A 195 -3.11 13.47 1.29
CA PRO A 195 -2.87 14.81 0.71
C PRO A 195 -2.62 14.69 -0.78
N HIS A 196 -2.85 15.81 -1.47
CA HIS A 196 -2.36 15.96 -2.84
C HIS A 196 -0.84 16.14 -2.80
N PRO A 197 -0.08 15.57 -3.76
CA PRO A 197 1.37 15.81 -3.74
C PRO A 197 1.73 17.29 -3.71
N ASP A 198 0.97 18.14 -4.41
CA ASP A 198 1.31 19.55 -4.46
C ASP A 198 1.25 20.21 -3.09
N TRP A 199 0.38 19.71 -2.19
CA TRP A 199 0.32 20.29 -0.84
C TRP A 199 1.59 19.95 -0.05
N ILE A 200 2.11 18.73 -0.23
CA ILE A 200 3.31 18.30 0.49
C ILE A 200 4.54 19.02 -0.07
N VAL A 201 4.79 18.88 -1.37
CA VAL A 201 5.94 19.53 -1.99
C VAL A 201 5.84 21.04 -1.84
N GLY A 202 4.64 21.59 -2.01
CA GLY A 202 4.48 23.04 -1.92
C GLY A 202 4.73 23.58 -0.53
N THR A 203 4.38 22.81 0.51
CA THR A 203 4.68 23.26 1.87
C THR A 203 6.17 23.20 2.13
N VAL A 204 6.85 22.18 1.61
CA VAL A 204 8.31 22.14 1.73
C VAL A 204 8.93 23.36 1.06
N VAL A 205 8.47 23.68 -0.15
CA VAL A 205 9.00 24.83 -0.89
C VAL A 205 8.73 26.13 -0.16
N LEU A 206 7.53 26.27 0.41
CA LEU A 206 7.21 27.43 1.23
CA LEU A 206 7.22 27.44 1.22
C LEU A 206 8.21 27.61 2.37
N ALA A 207 8.51 26.52 3.05
CA ALA A 207 9.42 26.60 4.19
C ALA A 207 10.83 26.90 3.73
N LEU A 208 11.29 26.24 2.68
CA LEU A 208 12.65 26.49 2.23
C LEU A 208 12.83 27.93 1.72
N ASP A 209 11.81 28.48 1.05
CA ASP A 209 11.84 29.88 0.62
C ASP A 209 11.97 30.82 1.83
N ALA A 210 11.15 30.57 2.86
CA ALA A 210 11.18 31.41 4.05
C ALA A 210 12.52 31.33 4.76
N ILE A 211 13.12 30.14 4.80
CA ILE A 211 14.40 29.94 5.49
C ILE A 211 15.53 30.60 4.70
N LYS A 212 15.48 30.52 3.38
CA LYS A 212 16.48 31.21 2.57
C LYS A 212 16.45 32.71 2.82
N LYS A 213 15.26 33.27 2.99
CA LYS A 213 15.11 34.71 3.19
C LYS A 213 15.45 35.15 4.61
N ASN A 214 15.15 34.32 5.61
CA ASN A 214 15.16 34.77 6.99
C ASN A 214 16.00 33.93 7.95
N GLY A 215 16.64 32.85 7.51
CA GLY A 215 17.28 31.91 8.40
C GLY A 215 16.23 30.95 8.95
N LEU A 216 16.69 30.00 9.78
CA LEU A 216 15.82 28.92 10.20
C LEU A 216 14.72 29.40 11.14
N GLU A 217 15.07 30.08 12.23
CA GLU A 217 14.03 30.49 13.18
C GLU A 217 13.13 31.57 12.59
N GLY A 218 13.71 32.56 11.92
CA GLY A 218 12.89 33.58 11.27
C GLY A 218 12.01 33.01 10.17
N GLY A 219 12.56 32.04 9.43
CA GLY A 219 11.80 31.40 8.37
C GLY A 219 10.64 30.59 8.90
N LEU A 220 10.88 29.76 9.92
CA LEU A 220 9.78 28.97 10.46
C LEU A 220 8.72 29.88 11.06
N ALA A 221 9.12 31.02 11.62
CA ALA A 221 8.14 31.98 12.12
C ALA A 221 7.25 32.49 10.98
N GLU A 222 7.82 32.70 9.80
CA GLU A 222 7.00 33.16 8.67
C GLU A 222 6.06 32.07 8.17
N VAL A 223 6.48 30.80 8.26
CA VAL A 223 5.59 29.69 7.92
C VAL A 223 4.41 29.63 8.89
N VAL A 224 4.70 29.74 10.19
CA VAL A 224 3.63 29.64 11.18
C VAL A 224 2.59 30.72 10.96
N LYS A 225 3.02 31.89 10.47
CA LYS A 225 2.10 32.99 10.22
C LYS A 225 1.09 32.70 9.13
N VAL A 226 1.38 31.75 8.24
CA VAL A 226 0.44 31.41 7.17
C VAL A 226 -0.27 30.09 7.42
N LEU A 227 -0.33 29.62 8.67
CA LEU A 227 -1.12 28.46 9.02
C LEU A 227 -2.47 28.89 9.58
N ASP A 228 -3.51 28.12 9.27
CA ASP A 228 -4.82 28.35 9.84
C ASP A 228 -4.89 27.78 11.27
N SER A 229 -6.06 27.91 11.90
CA SER A 229 -6.23 27.47 13.28
C SER A 229 -6.04 25.97 13.44
N ASP A 230 -6.08 25.20 12.35
CA ASP A 230 -5.82 23.76 12.37
C ASP A 230 -4.41 23.41 11.87
N GLY A 231 -3.53 24.40 11.81
CA GLY A 231 -2.13 24.19 11.45
C GLY A 231 -1.84 23.98 9.98
N ARG A 232 -2.79 24.29 9.10
CA ARG A 232 -2.72 23.99 7.67
C ARG A 232 -2.30 25.23 6.87
N PRO A 233 -1.37 25.12 5.92
CA PRO A 233 -0.97 26.30 5.12
C PRO A 233 -2.12 26.88 4.28
N THR A 234 -2.37 28.18 4.45
CA THR A 234 -3.50 28.80 3.75
C THR A 234 -3.38 28.84 2.23
N PRO A 235 -2.19 28.80 1.62
CA PRO A 235 -2.17 28.71 0.15
C PRO A 235 -2.97 27.51 -0.39
N PHE A 236 -3.01 26.41 0.35
CA PHE A 236 -3.66 25.18 -0.10
C PHE A 236 -5.00 24.91 0.57
N PHE A 237 -5.16 25.38 1.80
CA PHE A 237 -6.32 25.08 2.63
C PHE A 237 -7.13 26.33 3.00
N GLY A 238 -6.83 27.47 2.43
CA GLY A 238 -7.54 28.69 2.79
C GLY A 238 -8.85 28.96 2.08
N ARG A 239 -9.24 28.10 1.13
CA ARG A 239 -10.47 28.27 0.37
C ARG A 239 -11.40 27.06 0.54
N ASN A 240 -12.71 27.33 0.54
CA ASN A 240 -13.75 26.31 0.72
C ASN A 240 -14.10 25.65 -0.61
N ILE A 241 -14.30 24.33 -0.57
N ILE A 241 -14.30 24.33 -0.59
CA ILE A 241 -14.63 23.57 -1.78
CA ILE A 241 -14.63 23.63 -1.83
C ILE A 241 -15.96 24.07 -2.36
C ILE A 241 -15.98 24.10 -2.37
N HIS A 242 -17.01 24.05 -1.54
CA HIS A 242 -18.37 24.31 -2.01
C HIS A 242 -18.53 25.72 -2.59
N GLU A 243 -17.97 26.74 -1.95
CA GLU A 243 -18.16 28.10 -2.44
C GLU A 243 -17.45 28.32 -3.77
N ASN A 244 -16.54 27.41 -4.14
CA ASN A 244 -15.83 27.47 -5.41
C ASN A 244 -16.20 26.32 -6.35
N CYS A 245 -17.32 25.64 -6.08
CA CYS A 245 -17.62 24.41 -6.80
C CYS A 245 -18.36 24.73 -8.11
N PRO A 246 -18.06 24.00 -9.19
CA PRO A 246 -18.78 24.25 -10.45
C PRO A 246 -20.23 23.83 -10.43
N TYR A 247 -20.69 23.08 -9.42
CA TYR A 247 -22.08 22.68 -9.33
C TYR A 247 -22.86 23.55 -8.35
N LEU A 248 -22.26 24.66 -7.89
CA LEU A 248 -22.89 25.51 -6.88
C LEU A 248 -24.21 26.09 -7.38
N ASP A 249 -24.30 26.43 -8.66
CA ASP A 249 -25.58 26.91 -9.17
C ASP A 249 -26.67 25.85 -9.04
N LYS A 250 -26.35 24.58 -9.28
CA LYS A 250 -27.34 23.50 -9.09
C LYS A 250 -27.75 23.34 -7.63
N TYR A 251 -26.79 23.43 -6.70
CA TYR A 251 -27.12 23.43 -5.28
C TYR A 251 -28.13 24.52 -4.95
N ASP A 252 -27.85 25.76 -5.39
CA ASP A 252 -28.73 26.87 -5.07
C ASP A 252 -30.11 26.69 -5.69
N GLU A 253 -30.19 26.01 -6.85
CA GLU A 253 -31.48 25.77 -7.51
C GLU A 253 -32.21 24.55 -6.94
N GLY A 254 -31.55 23.80 -6.06
CA GLY A 254 -32.14 22.56 -5.56
C GLY A 254 -32.15 21.41 -6.53
N VAL A 255 -31.27 21.41 -7.53
CA VAL A 255 -31.21 20.38 -8.55
C VAL A 255 -30.14 19.38 -8.11
N MET A 256 -30.59 18.23 -7.59
CA MET A 256 -29.73 17.26 -6.91
CA MET A 256 -29.71 17.27 -6.92
C MET A 256 -29.72 15.95 -7.69
N SER A 257 -28.52 15.42 -7.94
CA SER A 257 -28.43 14.11 -8.57
C SER A 257 -29.01 13.03 -7.66
N ALA A 258 -29.77 12.10 -8.25
CA ALA A 258 -30.31 10.95 -7.51
C ALA A 258 -29.52 9.67 -7.75
N THR A 259 -28.62 9.67 -8.73
CA THR A 259 -27.69 8.58 -8.96
C THR A 259 -26.32 9.18 -9.18
N PHE A 260 -25.29 8.44 -8.78
CA PHE A 260 -23.93 8.95 -8.91
C PHE A 260 -23.59 9.34 -10.34
N THR A 261 -24.15 8.62 -11.32
CA THR A 261 -23.72 8.82 -12.70
C THR A 261 -24.39 10.02 -13.36
N ASP A 262 -25.32 10.71 -12.69
CA ASP A 262 -25.89 11.95 -13.19
C ASP A 262 -24.91 13.06 -12.87
N LYS A 263 -24.20 13.57 -13.88
CA LYS A 263 -23.17 14.56 -13.60
C LYS A 263 -23.66 16.00 -13.76
N VAL A 264 -24.96 16.19 -14.01
CA VAL A 264 -25.48 17.55 -14.11
C VAL A 264 -25.80 18.13 -12.74
N GLY A 265 -26.41 17.37 -11.87
CA GLY A 265 -26.89 17.90 -10.61
C GLY A 265 -25.81 18.03 -9.55
N CYS A 266 -26.15 18.76 -8.48
CA CYS A 266 -25.29 18.82 -7.30
C CYS A 266 -25.33 17.47 -6.57
N ARG A 267 -24.21 17.15 -5.94
CA ARG A 267 -23.98 15.87 -5.25
C ARG A 267 -24.32 15.89 -3.75
N TYR A 268 -24.94 16.97 -3.26
CA TYR A 268 -25.24 17.10 -1.83
C TYR A 268 -26.10 15.94 -1.30
N ASP A 269 -27.18 15.56 -2.00
CA ASP A 269 -28.02 14.49 -1.48
C ASP A 269 -27.31 13.14 -1.50
N LEU A 270 -26.31 12.98 -2.38
CA LEU A 270 -25.51 11.75 -2.41
C LEU A 270 -24.44 11.72 -1.32
N GLY A 271 -24.31 12.80 -0.54
CA GLY A 271 -23.41 12.82 0.60
C GLY A 271 -22.23 13.80 0.52
N CYS A 272 -22.16 14.64 -0.51
CA CYS A 272 -21.01 15.52 -0.65
C CYS A 272 -20.81 16.42 0.57
N LYS A 273 -19.59 16.42 1.10
CA LYS A 273 -19.19 17.23 2.25
C LYS A 273 -18.41 18.49 1.87
N GLY A 274 -18.44 18.88 0.59
CA GLY A 274 -17.83 20.12 0.16
C GLY A 274 -18.16 21.34 1.02
N PRO A 275 -19.40 21.49 1.49
CA PRO A 275 -19.71 22.68 2.29
C PRO A 275 -18.87 22.85 3.54
N MET A 276 -18.36 21.75 4.10
CA MET A 276 -17.64 21.76 5.36
C MET A 276 -16.14 21.54 5.18
N THR A 277 -15.62 21.69 3.96
CA THR A 277 -14.26 21.23 3.63
C THR A 277 -13.42 22.36 3.02
N MET A 278 -12.21 22.53 3.56
CA MET A 278 -11.27 23.58 3.16
C MET A 278 -10.09 22.96 2.39
N ALA A 279 -10.16 22.99 1.06
CA ALA A 279 -9.11 22.44 0.20
C ALA A 279 -9.27 23.02 -1.20
N ASP A 280 -8.20 22.96 -2.00
CA ASP A 280 -8.19 23.56 -3.33
C ASP A 280 -8.41 22.56 -4.46
N CYS A 281 -8.99 21.40 -4.13
CA CYS A 281 -9.21 20.31 -5.07
C CYS A 281 -10.03 20.75 -6.28
N PHE A 282 -10.98 21.68 -6.10
CA PHE A 282 -11.82 22.16 -7.18
C PHE A 282 -10.99 22.75 -8.33
N GLU A 283 -9.79 23.22 -8.03
CA GLU A 283 -8.96 23.94 -8.98
C GLU A 283 -7.80 23.07 -9.44
N ARG A 284 -6.97 22.56 -8.53
N ARG A 284 -7.07 22.56 -8.47
CA ARG A 284 -5.85 21.74 -9.00
CA ARG A 284 -5.90 21.73 -8.67
C ARG A 284 -6.27 20.32 -9.39
C ARG A 284 -6.27 20.39 -9.31
N LYS A 285 -7.39 19.84 -8.87
CA LYS A 285 -7.84 18.50 -9.19
C LYS A 285 -6.79 17.46 -8.80
N TRP A 286 -6.90 16.24 -9.33
CA TRP A 286 -6.10 15.12 -8.87
C TRP A 286 -5.42 14.41 -10.03
N ASN A 287 -4.25 13.84 -9.73
CA ASN A 287 -3.56 12.93 -10.65
C ASN A 287 -3.36 13.56 -12.02
N GLY A 288 -2.66 14.69 -12.01
CA GLY A 288 -2.37 15.39 -13.24
C GLY A 288 -3.59 16.05 -13.84
N GLY A 289 -4.56 16.43 -12.99
CA GLY A 289 -5.73 17.15 -13.42
C GLY A 289 -6.81 16.33 -14.09
N VAL A 290 -6.71 14.99 -14.05
CA VAL A 290 -7.63 14.16 -14.85
C VAL A 290 -9.01 13.98 -14.23
N ASN A 291 -9.17 14.25 -12.93
CA ASN A 291 -10.45 14.08 -12.25
C ASN A 291 -10.33 14.70 -10.87
N TRP A 292 -11.47 14.73 -10.15
CA TRP A 292 -11.47 15.00 -8.72
C TRP A 292 -12.74 14.43 -8.10
N CYS A 293 -12.78 14.45 -6.76
CA CYS A 293 -13.76 13.62 -6.05
C CYS A 293 -15.18 14.06 -6.34
N VAL A 294 -15.41 15.37 -6.40
CA VAL A 294 -16.77 15.86 -6.61
C VAL A 294 -17.29 15.56 -8.01
N GLN A 295 -16.43 15.69 -9.03
CA GLN A 295 -16.86 15.31 -10.38
C GLN A 295 -17.20 13.83 -10.44
N ASN A 296 -16.34 12.99 -9.84
CA ASN A 296 -16.40 11.53 -9.98
C ASN A 296 -17.49 10.91 -9.10
N ALA A 297 -17.66 11.41 -7.87
CA ALA A 297 -18.58 10.84 -6.90
C ALA A 297 -18.97 11.94 -5.91
N VAL A 298 -18.38 11.95 -4.70
CA VAL A 298 -18.64 12.97 -3.69
C VAL A 298 -17.32 13.32 -3.01
N CYS A 299 -17.26 14.51 -2.40
CA CYS A 299 -16.22 14.83 -1.43
C CYS A 299 -16.58 14.21 -0.08
N ILE A 300 -15.59 13.60 0.57
CA ILE A 300 -15.76 12.99 1.89
C ILE A 300 -15.06 13.78 3.00
N GLY A 301 -14.57 14.99 2.70
CA GLY A 301 -14.05 15.85 3.74
C GLY A 301 -12.72 15.41 4.31
N CYS A 302 -11.85 14.83 3.48
CA CYS A 302 -10.70 14.06 3.99
C CYS A 302 -9.62 14.91 4.63
N VAL A 303 -9.59 16.24 4.42
CA VAL A 303 -8.59 17.13 5.00
C VAL A 303 -9.02 17.72 6.34
N GLU A 304 -10.24 17.39 6.84
CA GLU A 304 -10.80 18.07 8.00
C GLU A 304 -10.47 17.34 9.31
N PRO A 305 -10.33 18.09 10.42
CA PRO A 305 -9.94 17.46 11.69
C PRO A 305 -10.90 16.38 12.18
N ASP A 306 -12.18 16.41 11.79
CA ASP A 306 -13.14 15.40 12.24
C ASP A 306 -13.28 14.23 11.28
N PHE A 307 -12.40 14.11 10.30
CA PHE A 307 -12.47 12.96 9.39
C PHE A 307 -11.92 11.72 10.08
N PRO A 308 -12.63 10.59 10.02
CA PRO A 308 -13.85 10.29 9.25
C PRO A 308 -15.19 10.50 9.98
N ASP A 309 -15.22 10.46 11.32
CA ASP A 309 -16.51 10.28 11.99
C ASP A 309 -17.44 11.48 11.79
N GLY A 310 -16.90 12.72 11.80
CA GLY A 310 -17.72 13.89 11.60
C GLY A 310 -18.16 14.11 10.17
N LYS A 311 -17.64 13.32 9.24
CA LYS A 311 -17.98 13.38 7.81
C LYS A 311 -18.80 12.17 7.38
N SER A 312 -19.17 11.30 8.33
CA SER A 312 -19.89 10.07 8.07
C SER A 312 -21.31 10.14 8.61
N PRO A 313 -22.26 9.40 8.01
CA PRO A 313 -22.13 8.56 6.82
C PRO A 313 -21.72 9.34 5.57
N PHE A 314 -20.91 8.70 4.75
CA PHE A 314 -20.37 9.36 3.55
C PHE A 314 -21.41 9.56 2.48
N TYR A 315 -22.43 8.69 2.40
CA TYR A 315 -23.34 8.69 1.27
C TYR A 315 -24.74 9.16 1.61
N GLN A 316 -24.86 9.98 2.65
CA GLN A 316 -26.05 10.79 2.84
C GLN A 316 -25.63 12.11 3.46
N ALA A 317 -26.51 13.09 3.37
CA ALA A 317 -26.19 14.41 3.88
C ALA A 317 -26.12 14.37 5.39
N ALA B 10 33.32 -24.99 8.62
CA ALA B 10 32.00 -25.20 9.25
C ALA B 10 31.76 -24.20 10.39
N THR B 11 30.67 -23.45 10.32
CA THR B 11 30.38 -22.45 11.33
C THR B 11 29.14 -22.86 12.13
N GLY B 12 29.04 -22.28 13.32
CA GLY B 12 27.92 -22.50 14.22
C GLY B 12 26.80 -21.52 13.95
N ARG B 13 26.07 -21.19 15.01
CA ARG B 13 24.89 -20.37 14.90
C ARG B 13 25.19 -18.88 15.01
N THR B 14 24.46 -18.09 14.21
CA THR B 14 24.31 -16.66 14.43
C THR B 14 22.84 -16.34 14.25
N THR B 15 22.28 -15.52 15.14
CA THR B 15 20.88 -15.10 15.06
C THR B 15 20.84 -13.64 14.65
N ILE B 16 20.10 -13.35 13.57
CA ILE B 16 20.11 -12.02 12.93
C ILE B 16 18.71 -11.47 12.96
N ALA B 17 18.55 -10.28 13.55
CA ALA B 17 17.28 -9.56 13.57
C ALA B 17 17.36 -8.34 12.66
N ILE B 18 16.31 -8.15 11.85
CA ILE B 18 16.23 -7.05 10.90
C ILE B 18 14.92 -6.32 11.17
N ASP B 19 15.00 -5.12 11.75
CA ASP B 19 13.82 -4.30 12.02
C ASP B 19 14.25 -2.83 11.97
N PRO B 20 13.75 -2.07 10.97
CA PRO B 20 12.76 -2.44 9.96
C PRO B 20 13.32 -3.19 8.76
N VAL B 21 12.59 -4.17 8.25
CA VAL B 21 12.84 -4.62 6.88
C VAL B 21 12.38 -3.49 5.95
N THR B 22 13.28 -2.99 5.10
CA THR B 22 13.00 -1.85 4.25
C THR B 22 12.72 -2.31 2.81
N ARG B 23 12.22 -1.37 2.00
CA ARG B 23 11.87 -1.64 0.62
C ARG B 23 10.85 -2.78 0.55
N ILE B 24 9.95 -2.72 1.53
CA ILE B 24 8.63 -3.34 1.54
C ILE B 24 7.65 -2.25 1.96
N GLU B 25 6.37 -2.57 1.98
CA GLU B 25 5.37 -1.68 2.58
C GLU B 25 5.07 -2.11 4.01
N GLY B 26 5.06 -1.14 4.90
CA GLY B 26 4.65 -1.36 6.27
C GLY B 26 5.76 -1.84 7.19
N HIS B 27 5.33 -2.27 8.37
CA HIS B 27 6.23 -2.53 9.50
CA HIS B 27 6.23 -2.53 9.50
C HIS B 27 6.45 -4.04 9.64
N LEU B 28 7.68 -4.48 9.34
CA LEU B 28 8.07 -5.88 9.45
C LEU B 28 9.43 -6.02 10.11
N LYS B 29 9.50 -6.93 11.08
CA LYS B 29 10.75 -7.45 11.61
C LYS B 29 10.91 -8.90 11.16
N ALA B 30 12.12 -9.23 10.74
CA ALA B 30 12.48 -10.61 10.45
C ALA B 30 13.60 -11.02 11.40
N GLU B 31 13.48 -12.22 11.98
CA GLU B 31 14.55 -12.80 12.77
C GLU B 31 14.86 -14.18 12.22
N VAL B 32 16.12 -14.41 11.83
CA VAL B 32 16.53 -15.70 11.30
C VAL B 32 17.63 -16.30 12.15
N VAL B 33 17.61 -17.63 12.24
CA VAL B 33 18.69 -18.40 12.82
C VAL B 33 19.52 -18.93 11.65
N VAL B 34 20.83 -18.60 11.63
CA VAL B 34 21.75 -19.09 10.62
C VAL B 34 22.68 -20.11 11.27
N GLU B 35 22.85 -21.25 10.62
CA GLU B 35 23.83 -22.23 11.07
C GLU B 35 24.56 -22.73 9.85
N ASN B 36 25.89 -22.67 9.91
CA ASN B 36 26.74 -23.17 8.84
C ASN B 36 26.36 -22.58 7.48
N GLY B 37 26.11 -21.27 7.47
CA GLY B 37 25.93 -20.56 6.21
C GLY B 37 24.55 -20.61 5.61
N LYS B 38 23.56 -21.18 6.30
CA LYS B 38 22.19 -21.24 5.77
C LYS B 38 21.20 -20.88 6.87
N VAL B 39 20.08 -20.27 6.47
CA VAL B 39 18.99 -20.05 7.40
C VAL B 39 18.41 -21.41 7.78
N VAL B 40 18.27 -21.66 9.08
CA VAL B 40 17.64 -22.87 9.59
C VAL B 40 16.34 -22.61 10.37
N ASP B 41 16.00 -21.36 10.66
CA ASP B 41 14.73 -21.02 11.28
C ASP B 41 14.47 -19.54 11.04
N ALA B 42 13.19 -19.17 11.13
CA ALA B 42 12.77 -17.81 10.83
C ALA B 42 11.48 -17.48 11.58
N ARG B 43 11.34 -16.20 11.94
CA ARG B 43 10.14 -15.64 12.55
CA ARG B 43 10.14 -15.65 12.54
C ARG B 43 9.90 -14.26 11.95
N LEU B 44 8.68 -14.02 11.46
CA LEU B 44 8.27 -12.72 10.93
CA LEU B 44 8.28 -12.72 10.93
C LEU B 44 7.28 -12.06 11.88
N SER B 45 7.52 -10.76 12.17
CA SER B 45 6.69 -9.99 13.08
CA SER B 45 6.69 -10.00 13.08
C SER B 45 6.16 -8.75 12.37
N GLY B 46 4.83 -8.68 12.23
CA GLY B 46 4.16 -7.47 11.81
C GLY B 46 3.92 -6.61 13.04
N GLY B 47 4.61 -5.48 13.11
CA GLY B 47 4.72 -4.69 14.32
C GLY B 47 3.81 -3.50 14.50
N MET B 48 2.81 -3.32 13.63
CA MET B 48 1.90 -2.17 13.76
C MET B 48 0.47 -2.64 13.55
N TYR B 49 -0.42 -2.19 14.43
CA TYR B 49 -1.84 -2.56 14.40
C TYR B 49 -2.73 -1.32 14.41
N ARG B 50 -3.81 -1.37 13.62
CA ARG B 50 -4.84 -0.33 13.64
C ARG B 50 -6.22 -0.83 14.04
N GLY B 51 -6.63 -2.02 13.60
CA GLY B 51 -7.92 -2.56 13.99
C GLY B 51 -9.12 -2.13 13.17
N PHE B 52 -8.97 -2.14 11.84
CA PHE B 52 -10.08 -1.79 10.96
C PHE B 52 -11.34 -2.59 11.24
N GLU B 53 -11.20 -3.87 11.61
CA GLU B 53 -12.37 -4.74 11.78
C GLU B 53 -13.24 -4.29 12.95
N THR B 54 -12.66 -3.61 13.96
CA THR B 54 -13.47 -3.05 15.03
C THR B 54 -13.88 -1.61 14.76
N ILE B 55 -13.03 -0.84 14.07
CA ILE B 55 -13.38 0.52 13.68
C ILE B 55 -14.64 0.54 12.82
N LEU B 56 -14.80 -0.45 11.95
CA LEU B 56 -15.92 -0.48 11.02
C LEU B 56 -17.27 -0.76 11.69
N ARG B 57 -17.29 -1.41 12.86
CA ARG B 57 -18.55 -1.79 13.47
CA ARG B 57 -18.55 -1.79 13.48
C ARG B 57 -19.42 -0.58 13.78
N GLY B 58 -20.73 -0.71 13.55
CA GLY B 58 -21.68 0.32 13.88
C GLY B 58 -21.93 1.34 12.78
N ARG B 59 -21.15 1.30 11.69
CA ARG B 59 -21.25 2.29 10.63
C ARG B 59 -22.28 1.88 9.59
N ASP B 60 -22.75 2.87 8.82
CA ASP B 60 -23.48 2.62 7.59
C ASP B 60 -22.63 1.69 6.72
N PRO B 61 -23.16 0.56 6.24
CA PRO B 61 -22.30 -0.37 5.49
C PRO B 61 -21.64 0.23 4.27
N ARG B 62 -22.31 1.20 3.62
CA ARG B 62 -21.73 1.84 2.44
C ARG B 62 -20.43 2.56 2.77
N ASP B 63 -20.26 3.01 4.01
CA ASP B 63 -18.99 3.68 4.35
C ASP B 63 -17.79 2.75 4.23
N ALA B 64 -18.00 1.43 4.30
CA ALA B 64 -16.86 0.50 4.29
C ALA B 64 -16.01 0.66 3.04
N SER B 65 -16.63 0.96 1.90
CA SER B 65 -15.84 0.98 0.66
C SER B 65 -14.93 2.19 0.55
N GLN B 66 -15.08 3.17 1.45
CA GLN B 66 -14.07 4.20 1.68
C GLN B 66 -13.13 3.84 2.83
N ILE B 67 -13.66 3.46 3.99
CA ILE B 67 -12.83 3.20 5.16
C ILE B 67 -11.75 2.13 4.84
N VAL B 68 -12.16 1.01 4.23
CA VAL B 68 -11.23 -0.10 4.07
C VAL B 68 -10.04 0.24 3.20
N GLN B 69 -10.18 1.21 2.28
CA GLN B 69 -9.06 1.51 1.41
C GLN B 69 -7.85 2.00 2.21
N ARG B 70 -8.10 2.62 3.37
CA ARG B 70 -7.02 3.16 4.20
C ARG B 70 -6.25 2.07 4.92
N ILE B 71 -6.61 0.80 4.72
CA ILE B 71 -5.71 -0.27 5.12
C ILE B 71 -4.38 -0.13 4.38
N CSX B 72 -4.41 0.28 3.12
N CSX B 72 -4.41 0.31 3.12
CA CSX B 72 -3.20 0.36 2.35
CA CSX B 72 -3.20 0.38 2.36
CB CSX B 72 -2.73 -1.01 1.91
CB CSX B 72 -2.73 -1.01 2.00
SG CSX B 72 -1.48 -0.93 0.67
SG CSX B 72 -1.21 -1.01 1.14
C CSX B 72 -3.27 1.27 1.14
C CSX B 72 -3.24 1.24 1.12
O CSX B 72 -4.09 1.18 0.23
O CSX B 72 -4.00 1.09 0.17
OD CSX B 72 -0.30 -0.14 1.16
OD CSX B 72 -0.32 0.13 1.58
H CSX B 72 -5.24 0.57 2.62
H CSX B 72 -5.23 0.61 2.63
HA CSX B 72 -2.39 0.78 3.03
HA CSX B 72 -2.40 0.82 3.04
HB2 CSX B 72 -3.58 -1.64 1.54
HB2 CSX B 72 -2.65 -1.67 2.90
HB3 CSX B 72 -2.28 -1.52 2.79
HB3 CSX B 72 -3.49 -1.47 1.31
N CYS B 72 -4.41 0.23 3.10
N CYS B 72 -4.40 0.41 3.14
CA CYS B 72 -3.17 0.27 2.33
CA CYS B 72 -3.34 0.19 2.16
C CYS B 72 -3.29 1.31 1.22
C CYS B 72 -3.34 1.32 1.13
N GLY B 73 -2.31 2.19 1.14
CA GLY B 73 -2.22 3.19 0.12
C GLY B 73 -1.55 2.75 -1.16
N VAL B 74 -0.93 1.57 -1.16
CA VAL B 74 -0.36 1.01 -2.38
C VAL B 74 -1.43 0.23 -3.17
N CYS B 75 -2.31 -0.49 -2.45
CA CYS B 75 -3.30 -1.40 -3.02
C CYS B 75 -4.73 -1.02 -2.62
N PRO B 76 -5.11 0.26 -2.60
CA PRO B 76 -6.46 0.55 -2.09
C PRO B 76 -7.55 0.06 -3.02
N THR B 77 -7.31 0.01 -4.33
CA THR B 77 -8.33 -0.49 -5.24
C THR B 77 -8.69 -1.95 -4.96
N ALA B 78 -7.76 -2.74 -4.43
CA ALA B 78 -8.08 -4.13 -4.12
C ALA B 78 -9.10 -4.21 -2.99
N HIS B 79 -8.87 -3.46 -1.92
CA HIS B 79 -9.80 -3.44 -0.81
C HIS B 79 -11.12 -2.80 -1.21
N SER B 80 -11.07 -1.74 -2.02
CA SER B 80 -12.29 -1.16 -2.57
C SER B 80 -13.12 -2.23 -3.28
N THR B 81 -12.45 -3.00 -4.14
CA THR B 81 -13.11 -4.05 -4.93
C THR B 81 -13.71 -5.13 -4.03
N ALA B 82 -12.93 -5.68 -3.11
CA ALA B 82 -13.46 -6.70 -2.22
C ALA B 82 -14.66 -6.17 -1.43
N SER B 83 -14.57 -4.93 -0.94
CA SER B 83 -15.64 -4.34 -0.15
C SER B 83 -16.91 -4.15 -0.98
N VAL B 84 -16.79 -3.56 -2.18
CA VAL B 84 -18.01 -3.36 -2.97
C VAL B 84 -18.60 -4.70 -3.41
N LEU B 85 -17.77 -5.71 -3.68
CA LEU B 85 -18.33 -7.02 -4.02
C LEU B 85 -19.10 -7.62 -2.84
N ALA B 86 -18.57 -7.45 -1.61
CA ALA B 86 -19.28 -7.95 -0.42
C ALA B 86 -20.57 -7.19 -0.21
N LEU B 87 -20.53 -5.87 -0.38
CA LEU B 87 -21.74 -5.05 -0.28
C LEU B 87 -22.74 -5.37 -1.39
N ASP B 88 -22.25 -5.59 -2.62
CA ASP B 88 -23.16 -5.98 -3.71
C ASP B 88 -23.94 -7.22 -3.29
N GLU B 89 -23.24 -8.23 -2.79
CA GLU B 89 -23.91 -9.46 -2.39
C GLU B 89 -24.90 -9.20 -1.25
N ALA B 90 -24.44 -8.50 -0.21
CA ALA B 90 -25.29 -8.25 0.96
C ALA B 90 -26.54 -7.44 0.58
N PHE B 91 -26.38 -6.45 -0.29
CA PHE B 91 -27.49 -5.57 -0.65
C PHE B 91 -28.36 -6.16 -1.75
N GLY B 92 -27.91 -7.22 -2.42
CA GLY B 92 -28.58 -7.68 -3.62
C GLY B 92 -28.48 -6.73 -4.79
N ALA B 93 -27.37 -5.98 -4.89
CA ALA B 93 -27.21 -5.02 -5.96
C ALA B 93 -26.76 -5.75 -7.22
N LYS B 94 -27.39 -5.42 -8.34
CA LYS B 94 -27.08 -6.05 -9.62
C LYS B 94 -26.26 -5.05 -10.43
N VAL B 95 -24.95 -5.21 -10.41
CA VAL B 95 -24.06 -4.25 -11.08
C VAL B 95 -24.30 -4.30 -12.59
N PRO B 96 -24.54 -3.17 -13.26
CA PRO B 96 -24.68 -3.20 -14.72
C PRO B 96 -23.41 -3.69 -15.41
N ASN B 97 -23.60 -4.37 -16.55
CA ASN B 97 -22.47 -4.88 -17.31
C ASN B 97 -21.38 -3.81 -17.50
N ASN B 98 -21.77 -2.60 -17.88
CA ASN B 98 -20.77 -1.58 -18.19
C ASN B 98 -20.04 -1.15 -16.92
N GLY B 99 -20.70 -1.25 -15.76
CA GLY B 99 -20.05 -0.95 -14.49
C GLY B 99 -19.03 -2.02 -14.10
N ARG B 100 -19.35 -3.29 -14.37
CA ARG B 100 -18.37 -4.36 -14.14
C ARG B 100 -17.10 -4.09 -14.94
N ILE B 101 -17.25 -3.68 -16.19
CA ILE B 101 -16.09 -3.43 -17.03
C ILE B 101 -15.32 -2.21 -16.53
N THR B 102 -16.05 -1.15 -16.15
CA THR B 102 -15.40 0.06 -15.64
C THR B 102 -14.58 -0.24 -14.39
N ARG B 103 -15.16 -1.00 -13.45
CA ARG B 103 -14.39 -1.45 -12.29
C ARG B 103 -13.10 -2.16 -12.69
N ASN B 104 -13.18 -3.07 -13.68
CA ASN B 104 -11.97 -3.77 -14.12
C ASN B 104 -10.92 -2.81 -14.67
N LEU B 105 -11.34 -1.75 -15.38
CA LEU B 105 -10.38 -0.75 -15.88
C LEU B 105 -9.74 0.05 -14.76
N ILE B 106 -10.51 0.39 -13.73
CA ILE B 106 -9.97 1.13 -12.58
C ILE B 106 -8.92 0.29 -11.86
N PHE B 107 -9.29 -0.96 -11.55
CA PHE B 107 -8.46 -1.85 -10.73
C PHE B 107 -7.29 -2.38 -11.54
N GLY B 108 -7.50 -2.75 -12.80
CA GLY B 108 -6.41 -3.30 -13.60
C GLY B 108 -5.26 -2.32 -13.76
N ALA B 109 -5.58 -1.01 -13.85
CA ALA B 109 -4.52 -0.02 -13.98
C ALA B 109 -3.62 0.02 -12.74
N ASN B 110 -4.18 -0.28 -11.57
CA ASN B 110 -3.31 -0.32 -10.39
C ASN B 110 -2.48 -1.59 -10.28
N TYR B 111 -2.87 -2.72 -10.91
CA TYR B 111 -1.95 -3.84 -11.00
C TYR B 111 -0.68 -3.39 -11.70
N LEU B 112 -0.82 -2.64 -12.79
CA LEU B 112 0.34 -2.15 -13.52
C LEU B 112 1.19 -1.26 -12.62
N GLN B 113 0.56 -0.32 -11.92
CA GLN B 113 1.28 0.56 -11.02
C GLN B 113 2.04 -0.23 -9.96
N SER B 114 1.36 -1.19 -9.33
CA SER B 114 1.91 -1.83 -8.15
C SER B 114 3.07 -2.75 -8.51
N HIS B 115 2.95 -3.48 -9.61
CA HIS B 115 4.03 -4.37 -10.00
C HIS B 115 5.27 -3.59 -10.43
N ILE B 116 5.07 -2.48 -11.13
CA ILE B 116 6.20 -1.63 -11.56
C ILE B 116 6.86 -0.98 -10.35
N LEU B 117 6.06 -0.46 -9.41
CA LEU B 117 6.59 0.06 -8.16
C LEU B 117 7.39 -1.02 -7.44
N HIS B 118 6.83 -2.22 -7.36
CA HIS B 118 7.51 -3.27 -6.62
C HIS B 118 8.86 -3.63 -7.26
N PHE B 119 8.88 -3.89 -8.57
CA PHE B 119 10.13 -4.33 -9.14
C PHE B 119 11.18 -3.23 -9.08
N TYR B 120 10.84 -2.02 -9.54
CA TYR B 120 11.86 -0.97 -9.65
C TYR B 120 12.15 -0.28 -8.32
N HIS B 121 11.11 0.21 -7.63
CA HIS B 121 11.34 1.13 -6.51
C HIS B 121 11.54 0.40 -5.20
N LEU B 122 11.05 -0.83 -5.09
CA LEU B 122 11.31 -1.65 -3.91
CA LEU B 122 11.32 -1.64 -3.92
C LEU B 122 12.42 -2.67 -4.16
N SER B 123 12.29 -3.50 -5.19
CA SER B 123 13.20 -4.64 -5.36
C SER B 123 14.51 -4.33 -6.08
N ALA B 124 14.54 -3.41 -7.04
CA ALA B 124 15.70 -3.39 -7.95
C ALA B 124 16.99 -3.05 -7.23
N GLN B 125 16.94 -2.26 -6.16
CA GLN B 125 18.18 -1.98 -5.45
C GLN B 125 18.81 -3.23 -4.83
N ASP B 126 18.09 -4.35 -4.77
CA ASP B 126 18.70 -5.62 -4.34
C ASP B 126 19.80 -6.05 -5.29
N PHE B 127 19.75 -5.59 -6.54
CA PHE B 127 20.65 -5.99 -7.61
C PHE B 127 21.36 -4.83 -8.28
N VAL B 128 20.92 -3.58 -8.04
CA VAL B 128 21.40 -2.39 -8.72
C VAL B 128 21.91 -1.40 -7.69
N GLN B 129 23.10 -0.84 -7.94
CA GLN B 129 23.63 0.26 -7.14
C GLN B 129 23.08 1.57 -7.67
N GLY B 130 22.38 2.32 -6.82
CA GLY B 130 21.86 3.61 -7.20
C GLY B 130 22.92 4.69 -7.15
N PRO B 131 22.53 5.91 -7.52
CA PRO B 131 23.48 7.03 -7.46
C PRO B 131 23.98 7.28 -6.04
N ASP B 132 25.10 7.99 -5.96
CA ASP B 132 25.83 8.15 -4.71
C ASP B 132 25.24 9.28 -3.86
N THR B 133 23.97 9.10 -3.48
CA THR B 133 23.30 10.03 -2.61
C THR B 133 22.08 9.34 -2.00
N ALA B 134 21.66 9.84 -0.85
CA ALA B 134 20.45 9.29 -0.20
C ALA B 134 19.26 9.39 -1.16
N PRO B 135 18.34 8.42 -1.15
CA PRO B 135 18.24 7.27 -0.24
C PRO B 135 18.95 5.98 -0.75
N PHE B 136 19.91 6.12 -1.67
CA PHE B 136 20.56 4.99 -2.33
C PHE B 136 21.85 4.56 -1.63
N VAL B 137 22.33 5.37 -0.69
CA VAL B 137 23.50 5.10 0.15
C VAL B 137 23.20 5.71 1.52
N PRO B 138 23.86 5.22 2.58
CA PRO B 138 24.77 4.08 2.58
C PRO B 138 24.00 2.74 2.52
N ARG B 139 24.73 1.65 2.32
CA ARG B 139 24.13 0.31 2.30
C ARG B 139 25.22 -0.68 2.73
N PHE B 140 24.92 -1.98 2.62
CA PHE B 140 25.90 -2.96 3.05
C PHE B 140 27.19 -2.82 2.24
N PRO B 141 28.36 -2.87 2.88
CA PRO B 141 29.60 -2.75 2.11
C PRO B 141 29.80 -3.86 1.08
N LYS B 142 29.30 -5.06 1.35
CA LYS B 142 29.36 -6.18 0.40
C LYS B 142 27.92 -6.55 0.04
N SER B 143 27.34 -5.78 -0.88
CA SER B 143 25.93 -5.92 -1.22
C SER B 143 25.65 -6.93 -2.34
N ASP B 144 26.68 -7.55 -2.88
CA ASP B 144 26.52 -8.59 -3.91
C ASP B 144 25.77 -8.05 -5.13
N LEU B 145 26.30 -6.96 -5.69
CA LEU B 145 25.74 -6.27 -6.85
C LEU B 145 26.60 -6.63 -8.04
N ARG B 146 26.05 -7.47 -8.93
CA ARG B 146 26.84 -8.22 -9.90
C ARG B 146 26.78 -7.65 -11.31
N LEU B 147 25.97 -6.63 -11.56
CA LEU B 147 25.72 -6.20 -12.91
C LEU B 147 26.91 -5.41 -13.45
N SER B 148 27.13 -5.53 -14.77
CA SER B 148 28.11 -4.71 -15.45
C SER B 148 27.75 -3.24 -15.32
N LYS B 149 28.74 -2.38 -15.59
CA LYS B 149 28.48 -0.95 -15.52
C LYS B 149 27.31 -0.56 -16.43
N GLU B 150 27.25 -1.15 -17.63
CA GLU B 150 26.19 -0.81 -18.58
C GLU B 150 24.83 -1.28 -18.10
N LEU B 151 24.75 -2.51 -17.60
CA LEU B 151 23.46 -3.05 -17.19
C LEU B 151 23.01 -2.41 -15.87
N ASN B 152 23.96 -2.11 -14.98
CA ASN B 152 23.59 -1.35 -13.78
C ASN B 152 23.00 0.00 -14.16
N LYS B 153 23.59 0.68 -15.14
CA LYS B 153 23.10 1.98 -15.57
C LYS B 153 21.71 1.85 -16.20
N ALA B 154 21.48 0.75 -16.94
CA ALA B 154 20.13 0.53 -17.47
C ALA B 154 19.13 0.39 -16.34
N GLY B 155 19.51 -0.33 -15.28
CA GLY B 155 18.63 -0.44 -14.13
C GLY B 155 18.30 0.90 -13.49
N VAL B 156 19.30 1.78 -13.37
CA VAL B 156 19.06 3.09 -12.78
C VAL B 156 18.19 3.94 -13.70
N ASP B 157 18.51 3.94 -15.01
CA ASP B 157 17.73 4.70 -15.97
C ASP B 157 16.27 4.22 -15.97
N GLN B 158 16.07 2.91 -15.90
CA GLN B 158 14.71 2.36 -15.88
C GLN B 158 14.00 2.64 -14.57
N TYR B 159 14.72 2.62 -13.43
CA TYR B 159 14.13 3.06 -12.16
C TYR B 159 13.55 4.47 -12.28
N ILE B 160 14.33 5.39 -12.87
CA ILE B 160 13.92 6.78 -13.03
C ILE B 160 12.73 6.88 -14.00
N GLU B 161 12.82 6.20 -15.16
CA GLU B 161 11.69 6.19 -16.09
C GLU B 161 10.44 5.60 -15.44
N ALA B 162 10.61 4.54 -14.64
CA ALA B 162 9.47 3.89 -14.00
C ALA B 162 8.74 4.80 -13.01
N LEU B 163 9.42 5.77 -12.41
CA LEU B 163 8.72 6.78 -11.60
C LEU B 163 7.66 7.51 -12.42
N GLU B 164 7.97 7.84 -13.68
CA GLU B 164 6.97 8.47 -14.54
CA GLU B 164 6.97 8.47 -14.54
C GLU B 164 5.90 7.46 -14.94
N VAL B 165 6.29 6.25 -15.31
CA VAL B 165 5.31 5.26 -15.77
C VAL B 165 4.30 4.94 -14.68
N ARG B 166 4.77 4.73 -13.42
CA ARG B 166 3.82 4.39 -12.37
C ARG B 166 2.88 5.55 -12.08
N ARG B 167 3.37 6.80 -12.21
CA ARG B 167 2.50 7.97 -12.07
C ARG B 167 1.41 7.98 -13.15
N ILE B 168 1.77 7.67 -14.40
CA ILE B 168 0.81 7.57 -15.49
C ILE B 168 -0.24 6.50 -15.20
N CYS B 169 0.16 5.38 -14.58
CA CYS B 169 -0.79 4.34 -14.20
C CYS B 169 -1.84 4.89 -13.24
N HIS B 170 -1.41 5.71 -12.26
CA HIS B 170 -2.36 6.35 -11.36
C HIS B 170 -3.26 7.36 -12.06
N GLU B 171 -2.79 8.06 -13.10
CA GLU B 171 -3.68 8.87 -13.93
C GLU B 171 -4.75 7.98 -14.57
N MET B 172 -4.36 6.81 -15.04
CA MET B 172 -5.33 5.86 -15.60
C MET B 172 -6.38 5.47 -14.58
N VAL B 173 -5.95 5.16 -13.35
CA VAL B 173 -6.88 4.80 -12.27
C VAL B 173 -7.85 5.94 -12.03
N ALA B 174 -7.32 7.17 -11.96
CA ALA B 174 -8.13 8.31 -11.57
C ALA B 174 -9.14 8.73 -12.64
N LEU B 175 -8.90 8.38 -13.91
CA LEU B 175 -9.80 8.81 -14.97
C LEU B 175 -11.24 8.40 -14.66
N PHE B 176 -11.46 7.16 -14.24
CA PHE B 176 -12.80 6.71 -13.84
C PHE B 176 -12.91 6.45 -12.35
N GLY B 177 -11.80 6.51 -11.61
CA GLY B 177 -11.80 6.29 -10.17
C GLY B 177 -11.81 7.54 -9.30
N GLY B 178 -11.62 8.72 -9.90
CA GLY B 178 -11.73 9.98 -9.17
C GLY B 178 -10.40 10.55 -8.73
N ARG B 179 -9.62 9.75 -8.00
CA ARG B 179 -8.27 10.08 -7.57
C ARG B 179 -7.60 8.79 -7.14
N MET B 180 -6.29 8.87 -6.89
CA MET B 180 -5.52 7.74 -6.40
C MET B 180 -4.27 8.27 -5.72
N PRO B 181 -3.89 7.73 -4.54
CA PRO B 181 -4.57 6.71 -3.74
C PRO B 181 -5.98 7.07 -3.30
N HIS B 182 -6.77 6.01 -3.04
CA HIS B 182 -8.08 6.06 -2.42
C HIS B 182 -9.17 6.54 -3.37
N VAL B 183 -9.60 5.61 -4.23
CA VAL B 183 -10.58 5.95 -5.25
C VAL B 183 -11.91 6.33 -4.62
N GLN B 184 -12.63 7.21 -5.33
CA GLN B 184 -14.02 7.52 -5.00
C GLN B 184 -15.00 6.77 -5.89
N GLY B 185 -14.53 6.16 -6.99
CA GLY B 185 -15.38 5.72 -8.08
C GLY B 185 -15.99 4.34 -8.02
N GLN B 186 -15.67 3.54 -7.01
CA GLN B 186 -16.31 2.24 -6.81
C GLN B 186 -17.20 2.31 -5.57
N VAL B 187 -18.46 1.88 -5.72
CA VAL B 187 -19.46 1.89 -4.67
C VAL B 187 -20.27 0.62 -4.82
N VAL B 188 -21.03 0.25 -3.78
CA VAL B 188 -22.05 -0.78 -3.95
C VAL B 188 -22.90 -0.41 -5.16
N GLY B 189 -23.17 -1.38 -6.04
CA GLY B 189 -23.99 -1.14 -7.19
C GLY B 189 -23.24 -0.80 -8.47
N GLY B 190 -21.93 -0.56 -8.40
CA GLY B 190 -21.13 -0.42 -9.61
C GLY B 190 -20.01 0.58 -9.55
N ALA B 191 -20.02 1.51 -10.51
CA ALA B 191 -19.00 2.54 -10.64
C ALA B 191 -19.72 3.88 -10.82
N THR B 192 -19.14 4.94 -10.23
CA THR B 192 -19.85 6.20 -10.06
C THR B 192 -19.81 7.11 -11.28
N GLU B 193 -18.98 6.81 -12.29
CA GLU B 193 -18.79 7.70 -13.43
C GLU B 193 -18.80 6.87 -14.71
N ILE B 194 -19.78 7.12 -15.58
CA ILE B 194 -19.85 6.51 -16.90
C ILE B 194 -18.63 6.94 -17.71
N PRO B 195 -17.85 6.02 -18.29
CA PRO B 195 -16.78 6.44 -19.22
C PRO B 195 -17.32 7.16 -20.45
N THR B 196 -16.73 8.32 -20.75
CA THR B 196 -17.01 9.02 -21.99
C THR B 196 -16.01 8.63 -23.07
N LYS B 197 -16.40 8.86 -24.33
CA LYS B 197 -15.52 8.63 -25.46
C LYS B 197 -14.18 9.36 -25.26
N GLU B 198 -14.25 10.62 -24.81
CA GLU B 198 -13.05 11.44 -24.67
C GLU B 198 -12.12 10.89 -23.59
N LYS B 199 -12.68 10.47 -22.46
CA LYS B 199 -11.83 9.94 -21.40
C LYS B 199 -11.31 8.54 -21.74
N LEU B 200 -12.05 7.77 -22.51
CA LEU B 200 -11.51 6.49 -23.00
C LEU B 200 -10.31 6.70 -23.93
N VAL B 201 -10.32 7.77 -24.75
CA VAL B 201 -9.14 8.11 -25.54
C VAL B 201 -7.96 8.41 -24.62
N GLU B 202 -8.21 9.18 -23.54
CA GLU B 202 -7.15 9.55 -22.61
CA GLU B 202 -7.15 9.54 -22.59
C GLU B 202 -6.59 8.31 -21.90
N TYR B 203 -7.45 7.37 -21.51
CA TYR B 203 -6.97 6.15 -20.86
C TYR B 203 -6.12 5.33 -21.82
N ALA B 204 -6.58 5.17 -23.06
CA ALA B 204 -5.85 4.37 -24.05
C ALA B 204 -4.49 4.99 -24.38
N ALA B 205 -4.41 6.33 -24.46
CA ALA B 205 -3.13 6.95 -24.79
C ALA B 205 -2.11 6.71 -23.69
N ARG B 206 -2.53 6.82 -22.43
CA ARG B 206 -1.64 6.50 -21.32
C ARG B 206 -1.27 5.02 -21.30
N PHE B 207 -2.28 4.16 -21.53
CA PHE B 207 -2.04 2.72 -21.53
C PHE B 207 -0.98 2.32 -22.57
N LYS B 208 -0.99 2.97 -23.74
CA LYS B 208 0.03 2.67 -24.75
C LYS B 208 1.44 2.91 -24.22
N LYS B 209 1.64 4.02 -23.51
CA LYS B 209 2.96 4.31 -22.95
C LYS B 209 3.34 3.25 -21.92
N VAL B 210 2.40 2.84 -21.08
CA VAL B 210 2.69 1.82 -20.08
C VAL B 210 3.00 0.49 -20.75
N ARG B 211 2.17 0.10 -21.73
CA ARG B 211 2.45 -1.11 -22.49
C ARG B 211 3.87 -1.11 -23.05
N ASP B 212 4.27 0.00 -23.67
CA ASP B 212 5.59 0.03 -24.29
C ASP B 212 6.69 -0.16 -23.26
N PHE B 213 6.55 0.48 -22.10
CA PHE B 213 7.54 0.31 -21.04
C PHE B 213 7.60 -1.13 -20.54
N VAL B 214 6.43 -1.75 -20.34
CA VAL B 214 6.38 -3.12 -19.84
C VAL B 214 7.03 -4.07 -20.83
N GLU B 215 6.68 -3.94 -22.12
CA GLU B 215 7.16 -4.88 -23.14
C GLU B 215 8.63 -4.68 -23.46
N GLN B 216 9.09 -3.43 -23.48
CA GLN B 216 10.42 -3.13 -23.97
C GLN B 216 11.46 -3.03 -22.87
N LYS B 217 11.07 -2.67 -21.65
CA LYS B 217 12.03 -2.44 -20.58
C LYS B 217 11.83 -3.40 -19.42
N TYR B 218 10.63 -3.46 -18.86
CA TYR B 218 10.42 -4.17 -17.59
C TYR B 218 10.57 -5.69 -17.75
N VAL B 219 9.79 -6.33 -18.63
CA VAL B 219 9.92 -7.79 -18.77
C VAL B 219 11.33 -8.17 -19.19
N PRO B 220 11.97 -7.51 -20.17
CA PRO B 220 13.34 -7.91 -20.51
C PRO B 220 14.32 -7.73 -19.35
N VAL B 221 14.17 -6.69 -18.53
CA VAL B 221 15.20 -6.44 -17.51
C VAL B 221 15.12 -7.50 -16.42
N VAL B 222 13.91 -7.98 -16.10
CA VAL B 222 13.79 -9.00 -15.06
C VAL B 222 14.50 -10.27 -15.47
N TYR B 223 14.26 -10.74 -16.70
CA TYR B 223 14.96 -11.94 -17.18
C TYR B 223 16.45 -11.68 -17.27
N THR B 224 16.85 -10.48 -17.69
CA THR B 224 18.28 -10.23 -17.90
C THR B 224 19.02 -10.17 -16.57
N ILE B 225 18.49 -9.42 -15.61
CA ILE B 225 19.06 -9.44 -14.26
C ILE B 225 19.01 -10.84 -13.67
N GLY B 226 17.88 -11.54 -13.87
CA GLY B 226 17.80 -12.91 -13.39
C GLY B 226 18.90 -13.81 -13.93
N SER B 227 19.30 -13.59 -15.20
CA SER B 227 20.34 -14.41 -15.81
C SER B 227 21.71 -14.18 -15.20
N LYS B 228 21.89 -13.07 -14.46
CA LYS B 228 23.12 -12.81 -13.70
C LYS B 228 23.02 -13.30 -12.26
N TYR B 229 21.85 -13.78 -11.85
CA TYR B 229 21.59 -14.28 -10.52
C TYR B 229 20.89 -15.63 -10.59
N LYS B 230 21.45 -16.56 -11.39
CA LYS B 230 20.80 -17.84 -11.61
C LYS B 230 20.70 -18.68 -10.34
N ASP B 231 21.59 -18.43 -9.38
CA ASP B 231 21.55 -19.09 -8.09
C ASP B 231 20.27 -18.75 -7.33
N MET B 232 19.65 -17.63 -7.65
CA MET B 232 18.44 -17.21 -6.93
C MET B 232 17.19 -17.95 -7.41
N PHE B 233 17.30 -18.81 -8.43
CA PHE B 233 16.19 -19.71 -8.78
C PHE B 233 16.27 -21.02 -8.04
N LYS B 234 17.31 -21.22 -7.23
CA LYS B 234 17.57 -22.49 -6.56
C LYS B 234 17.27 -22.43 -5.06
N VAL B 235 16.71 -21.31 -4.59
CA VAL B 235 16.41 -21.13 -3.17
C VAL B 235 15.07 -20.42 -3.03
N GLY B 236 14.52 -20.50 -1.82
CA GLY B 236 13.25 -19.84 -1.51
C GLY B 236 12.00 -20.63 -1.83
N GLN B 237 12.10 -21.95 -1.96
CA GLN B 237 10.94 -22.76 -2.35
C GLN B 237 9.87 -22.80 -1.26
N GLY B 238 10.27 -22.91 0.00
CA GLY B 238 9.29 -23.06 1.07
C GLY B 238 8.41 -24.28 0.86
N PHE B 239 7.11 -24.09 1.14
CA PHE B 239 6.15 -25.19 1.03
C PHE B 239 5.80 -25.52 -0.42
N LYS B 240 6.12 -24.64 -1.37
CA LYS B 240 5.69 -24.83 -2.77
C LYS B 240 4.18 -25.07 -2.84
N ALA B 241 3.44 -24.20 -2.14
CA ALA B 241 1.99 -24.34 -1.99
C ALA B 241 1.36 -22.97 -2.18
N ALA B 242 0.28 -22.90 -2.96
CA ALA B 242 -0.27 -21.65 -3.46
C ALA B 242 -1.79 -21.63 -3.40
N LEU B 243 -2.34 -20.42 -3.35
CA LEU B 243 -3.78 -20.16 -3.31
C LEU B 243 -4.15 -19.06 -4.30
N CYS B 244 -5.29 -19.24 -4.98
CA CYS B 244 -5.94 -18.23 -5.80
C CYS B 244 -7.43 -18.31 -5.56
N VAL B 245 -8.07 -17.18 -5.30
CA VAL B 245 -9.50 -17.14 -5.01
C VAL B 245 -10.32 -16.57 -6.15
N GLY B 246 -9.69 -16.22 -7.27
CA GLY B 246 -10.38 -15.67 -8.42
C GLY B 246 -10.45 -14.15 -8.43
N ALA B 247 -10.35 -13.54 -9.62
CA ALA B 247 -10.42 -12.09 -9.75
C ALA B 247 -10.71 -11.66 -11.17
N PHE B 248 -11.33 -10.48 -11.27
CA PHE B 248 -11.64 -9.76 -12.51
C PHE B 248 -12.72 -10.51 -13.29
N PRO B 249 -13.99 -10.32 -12.93
CA PRO B 249 -15.06 -11.09 -13.58
C PRO B 249 -15.20 -10.69 -15.04
N LEU B 250 -15.30 -11.70 -15.89
CA LEU B 250 -15.34 -11.52 -17.34
C LEU B 250 -16.73 -11.59 -17.93
N ASP B 251 -17.75 -11.83 -17.11
CA ASP B 251 -19.15 -11.76 -17.48
C ASP B 251 -19.94 -11.49 -16.20
N ASN B 252 -21.27 -11.54 -16.29
CA ASN B 252 -22.13 -11.18 -15.17
C ASN B 252 -22.64 -12.38 -14.38
N SER B 253 -22.09 -13.57 -14.63
CA SER B 253 -22.55 -14.80 -13.98
C SER B 253 -21.87 -15.06 -12.64
N GLY B 254 -20.75 -14.40 -12.38
CA GLY B 254 -19.93 -14.70 -11.22
C GLY B 254 -19.15 -15.99 -11.31
N LYS B 255 -19.15 -16.66 -12.47
CA LYS B 255 -18.48 -17.95 -12.63
C LYS B 255 -17.21 -17.90 -13.48
N LYS B 256 -16.95 -16.81 -14.21
CA LYS B 256 -15.84 -16.71 -15.13
C LYS B 256 -15.00 -15.47 -14.84
N HIS B 257 -13.68 -15.67 -14.70
CA HIS B 257 -12.75 -14.66 -14.21
C HIS B 257 -11.41 -14.75 -14.95
N LEU B 258 -10.72 -13.60 -15.05
CA LEU B 258 -9.38 -13.58 -15.65
C LEU B 258 -8.45 -14.54 -14.94
N PHE B 259 -8.45 -14.52 -13.61
CA PHE B 259 -7.76 -15.50 -12.79
C PHE B 259 -8.81 -16.40 -12.16
N MET B 260 -8.73 -17.68 -12.43
CA MET B 260 -9.69 -18.62 -11.86
C MET B 260 -9.17 -19.19 -10.53
N PRO B 261 -10.06 -19.59 -9.63
CA PRO B 261 -9.63 -20.04 -8.30
C PRO B 261 -9.01 -21.44 -8.34
N GLY B 262 -8.15 -21.70 -7.36
CA GLY B 262 -7.60 -23.05 -7.16
C GLY B 262 -6.57 -23.02 -6.05
N VAL B 263 -6.29 -24.21 -5.53
CA VAL B 263 -5.26 -24.45 -4.52
C VAL B 263 -4.24 -25.42 -5.11
N TYR B 264 -2.97 -25.23 -4.75
CA TYR B 264 -1.90 -26.13 -5.15
C TYR B 264 -1.05 -26.43 -3.92
N ALA B 265 -0.89 -27.72 -3.60
CA ALA B 265 -0.09 -28.10 -2.45
C ALA B 265 0.34 -29.54 -2.62
N LYS B 266 1.53 -29.85 -2.10
CA LYS B 266 2.08 -31.21 -2.16
C LYS B 266 1.98 -31.78 -3.58
N GLY B 267 2.30 -30.93 -4.56
CA GLY B 267 2.35 -31.33 -5.94
C GLY B 267 1.02 -31.58 -6.60
N LYS B 268 -0.11 -31.12 -6.02
CA LYS B 268 -1.42 -31.44 -6.55
CA LYS B 268 -1.42 -31.43 -6.53
C LYS B 268 -2.33 -30.20 -6.62
N ASP B 269 -3.05 -30.08 -7.73
CA ASP B 269 -4.12 -29.09 -7.87
C ASP B 269 -5.38 -29.58 -7.19
N MET B 270 -6.06 -28.66 -6.49
N MET B 270 -6.06 -28.66 -6.50
CA MET B 270 -7.28 -28.91 -5.74
CA MET B 270 -7.34 -29.01 -5.88
C MET B 270 -8.22 -27.73 -5.91
C MET B 270 -8.22 -27.77 -5.90
N PRO B 271 -9.53 -27.95 -5.74
CA PRO B 271 -10.45 -26.81 -5.76
C PRO B 271 -10.28 -25.91 -4.55
N PHE B 272 -10.78 -24.68 -4.68
CA PHE B 272 -10.82 -23.73 -3.57
C PHE B 272 -12.22 -23.73 -2.96
N ASP B 273 -12.30 -24.07 -1.67
CA ASP B 273 -13.53 -24.03 -0.87
C ASP B 273 -13.28 -23.07 0.30
N PRO B 274 -13.88 -21.87 0.29
CA PRO B 274 -13.56 -20.88 1.33
C PRO B 274 -13.95 -21.29 2.74
N SER B 275 -14.83 -22.27 2.90
CA SER B 275 -15.19 -22.73 4.23
C SER B 275 -14.02 -23.41 4.95
N LYS B 276 -12.96 -23.76 4.22
CA LYS B 276 -11.80 -24.41 4.80
C LYS B 276 -10.78 -23.43 5.34
N ILE B 277 -11.04 -22.12 5.24
CA ILE B 277 -10.17 -21.10 5.84
C ILE B 277 -10.43 -20.98 7.34
N LYS B 278 -9.37 -21.04 8.14
CA LYS B 278 -9.42 -20.72 9.56
C LYS B 278 -8.24 -19.81 9.90
N GLU B 279 -8.46 -18.86 10.82
CA GLU B 279 -7.38 -17.99 11.29
C GLU B 279 -7.01 -18.35 12.73
N TYR B 280 -5.75 -18.75 12.92
CA TYR B 280 -5.18 -19.10 14.20
C TYR B 280 -4.43 -17.92 14.82
N VAL B 281 -4.28 -17.94 16.15
CA VAL B 281 -3.70 -16.80 16.86
C VAL B 281 -2.71 -17.14 17.96
N LYS B 282 -2.31 -18.42 18.14
CA LYS B 282 -1.42 -18.75 19.25
C LYS B 282 -0.19 -17.84 19.29
N TYR B 283 0.40 -17.58 18.12
CA TYR B 283 1.62 -16.78 18.02
C TYR B 283 1.33 -15.35 17.57
N SER B 284 0.08 -14.94 17.67
CA SER B 284 -0.34 -13.59 17.29
C SER B 284 -0.91 -12.86 18.51
N TRP B 285 -0.81 -11.53 18.51
CA TRP B 285 -1.24 -10.73 19.67
C TRP B 285 -2.77 -10.50 19.68
N PHE B 286 -3.51 -11.60 19.82
CA PHE B 286 -4.97 -11.58 19.94
C PHE B 286 -5.40 -12.58 21.02
N ALA B 287 -6.58 -12.35 21.58
CA ALA B 287 -7.06 -13.17 22.70
C ALA B 287 -7.13 -14.64 22.30
N GLU B 288 -6.65 -15.51 23.20
CA GLU B 288 -6.56 -16.94 22.90
C GLU B 288 -7.90 -17.55 22.53
N GLU B 289 -8.99 -17.09 23.13
CA GLU B 289 -10.29 -17.68 22.85
C GLU B 289 -10.79 -17.41 21.42
N THR B 290 -10.11 -16.57 20.65
CA THR B 290 -10.50 -16.28 19.28
C THR B 290 -9.79 -17.15 18.26
N THR B 291 -9.01 -18.14 18.70
CA THR B 291 -8.24 -18.93 17.75
C THR B 291 -9.13 -19.85 16.91
N GLY B 292 -8.72 -20.06 15.65
CA GLY B 292 -9.28 -21.11 14.81
C GLY B 292 -10.62 -20.82 14.17
N LEU B 293 -10.95 -19.54 13.98
CA LEU B 293 -12.26 -19.14 13.48
C LEU B 293 -12.21 -18.95 11.97
N ASN B 294 -13.24 -19.48 11.30
CA ASN B 294 -13.51 -19.06 9.92
C ASN B 294 -13.98 -17.60 9.91
N TYR B 295 -13.70 -16.90 8.79
CA TYR B 295 -13.95 -15.47 8.73
C TYR B 295 -15.42 -15.11 8.94
N LYS B 296 -16.37 -15.97 8.56
CA LYS B 296 -17.78 -15.66 8.80
C LYS B 296 -18.12 -15.55 10.28
N GLU B 297 -17.28 -16.11 11.15
CA GLU B 297 -17.41 -16.02 12.61
C GLU B 297 -16.18 -15.35 13.23
N GLY B 298 -15.46 -14.54 12.46
CA GLY B 298 -14.20 -14.03 12.93
C GLY B 298 -14.36 -12.98 14.00
N LYS B 299 -13.30 -12.84 14.79
CA LYS B 299 -13.23 -11.91 15.92
C LYS B 299 -11.84 -11.32 15.96
N THR B 300 -11.76 -10.07 16.41
CA THR B 300 -10.49 -9.34 16.46
C THR B 300 -10.39 -8.64 17.81
N ILE B 301 -9.68 -9.29 18.73
CA ILE B 301 -9.59 -8.86 20.12
C ILE B 301 -8.10 -8.75 20.43
N PRO B 302 -7.50 -7.57 20.31
CA PRO B 302 -6.06 -7.46 20.48
C PRO B 302 -5.60 -7.84 21.89
N ALA B 303 -4.41 -8.45 21.97
CA ALA B 303 -3.79 -8.87 23.22
C ALA B 303 -2.29 -8.62 23.10
N PRO B 304 -1.88 -7.36 23.16
CA PRO B 304 -0.47 -7.02 22.85
C PRO B 304 0.53 -7.52 23.86
N ASP B 305 0.10 -7.94 25.05
CA ASP B 305 0.99 -8.46 26.08
C ASP B 305 0.99 -9.99 26.15
N LYS B 306 0.28 -10.67 25.24
CA LYS B 306 0.13 -12.12 25.37
C LYS B 306 1.47 -12.84 25.19
N ALA B 307 1.81 -13.67 26.17
CA ALA B 307 3.10 -14.36 26.15
C ALA B 307 3.21 -15.30 24.95
N GLY B 308 4.41 -15.35 24.38
CA GLY B 308 4.71 -16.27 23.31
C GLY B 308 4.36 -15.77 21.93
N ALA B 309 3.47 -14.78 21.81
CA ALA B 309 3.09 -14.25 20.51
C ALA B 309 4.16 -13.30 20.00
N TYR B 310 4.24 -13.18 18.66
CA TYR B 310 5.29 -12.34 18.09
C TYR B 310 4.83 -11.52 16.88
N SER B 311 3.53 -11.38 16.66
CA SER B 311 3.08 -10.64 15.49
C SER B 311 1.63 -10.19 15.65
N PHE B 312 1.28 -9.07 15.00
CA PHE B 312 -0.11 -8.65 14.84
C PHE B 312 -0.80 -9.28 13.63
N VAL B 313 -0.10 -10.10 12.85
CA VAL B 313 -0.70 -10.82 11.74
C VAL B 313 -1.28 -12.12 12.29
N LYS B 314 -2.56 -12.39 12.01
CA LYS B 314 -3.13 -13.70 12.32
C LYS B 314 -2.51 -14.76 11.39
N ALA B 315 -2.74 -16.05 11.70
CA ALA B 315 -2.18 -17.13 10.89
C ALA B 315 -3.28 -17.86 10.14
N PRO B 316 -3.54 -17.51 8.88
CA PRO B 316 -4.59 -18.22 8.12
C PRO B 316 -4.07 -19.54 7.60
N ARG B 317 -4.91 -20.56 7.70
CA ARG B 317 -4.57 -21.86 7.14
C ARG B 317 -5.75 -22.39 6.35
N TYR B 318 -5.43 -23.09 5.26
CA TYR B 318 -6.43 -23.63 4.35
C TYR B 318 -6.45 -25.14 4.56
N ASP B 319 -7.50 -25.64 5.21
CA ASP B 319 -7.57 -27.06 5.55
C ASP B 319 -6.28 -27.52 6.23
N GLY B 320 -5.75 -26.66 7.11
CA GLY B 320 -4.51 -26.92 7.83
C GLY B 320 -3.24 -26.57 7.08
N LEU B 321 -3.32 -26.20 5.81
CA LEU B 321 -2.14 -25.95 4.99
C LEU B 321 -1.71 -24.49 5.09
N SER B 322 -0.40 -24.29 5.06
CA SER B 322 0.21 -22.96 4.96
C SER B 322 0.53 -22.70 3.49
N LEU B 323 -0.14 -21.70 2.91
CA LEU B 323 -0.10 -21.41 1.47
C LEU B 323 0.46 -20.01 1.25
N GLU B 324 1.07 -19.79 0.08
CA GLU B 324 1.42 -18.44 -0.37
C GLU B 324 0.45 -17.94 -1.42
N VAL B 325 0.48 -16.62 -1.64
CA VAL B 325 -0.38 -15.93 -2.60
C VAL B 325 0.48 -14.94 -3.39
N GLY B 326 -0.11 -14.42 -4.47
CA GLY B 326 0.55 -13.42 -5.29
C GLY B 326 0.66 -13.83 -6.75
N PRO B 327 1.47 -13.09 -7.53
CA PRO B 327 1.60 -13.42 -8.96
C PRO B 327 2.05 -14.85 -9.23
N LEU B 328 3.08 -15.34 -8.54
CA LEU B 328 3.47 -16.73 -8.71
C LEU B 328 2.27 -17.66 -8.49
N ALA B 329 1.57 -17.46 -7.37
CA ALA B 329 0.43 -18.31 -7.06
C ALA B 329 -0.60 -18.30 -8.18
N ARG B 330 -0.97 -17.11 -8.65
CA ARG B 330 -2.01 -17.01 -9.69
C ARG B 330 -1.51 -17.60 -11.00
N MET B 331 -0.26 -17.29 -11.39
CA MET B 331 0.25 -17.78 -12.66
C MET B 331 0.48 -19.28 -12.64
N TRP B 332 0.89 -19.84 -11.50
CA TRP B 332 1.02 -21.28 -11.37
C TRP B 332 -0.35 -21.96 -11.41
N VAL B 333 -1.31 -21.46 -10.63
CA VAL B 333 -2.65 -22.05 -10.64
C VAL B 333 -3.28 -22.02 -12.04
N ASN B 334 -3.17 -20.88 -12.74
CA ASN B 334 -3.86 -20.70 -14.02
C ASN B 334 -3.05 -21.15 -15.24
N ASN B 335 -1.72 -21.22 -15.12
CA ASN B 335 -0.84 -21.70 -16.19
C ASN B 335 -1.10 -21.08 -17.57
N PRO B 336 -1.05 -19.75 -17.67
CA PRO B 336 -1.16 -19.11 -18.98
C PRO B 336 0.10 -19.30 -19.82
N GLU B 337 -0.05 -19.06 -21.12
CA GLU B 337 1.08 -18.98 -22.02
C GLU B 337 2.03 -17.88 -21.55
N LEU B 338 3.33 -18.09 -21.75
CA LEU B 338 4.32 -17.07 -21.44
C LEU B 338 4.35 -15.99 -22.52
N SER B 339 4.84 -14.82 -22.12
CA SER B 339 4.99 -13.70 -23.05
C SER B 339 5.98 -14.08 -24.15
N PRO B 340 5.83 -13.49 -25.34
CA PRO B 340 6.85 -13.72 -26.39
C PRO B 340 8.26 -13.41 -25.94
N VAL B 341 8.47 -12.31 -25.23
N VAL B 341 8.44 -12.26 -25.27
CA VAL B 341 9.85 -11.99 -24.88
CA VAL B 341 9.75 -11.88 -24.73
C VAL B 341 10.35 -12.88 -23.73
C VAL B 341 10.28 -12.98 -23.83
N GLY B 342 9.47 -13.37 -22.85
CA GLY B 342 9.91 -14.36 -21.88
C GLY B 342 10.33 -15.66 -22.54
N LYS B 343 9.53 -16.14 -23.50
CA LYS B 343 9.91 -17.35 -24.23
C LYS B 343 11.29 -17.19 -24.85
N LYS B 344 11.52 -16.05 -25.50
CA LYS B 344 12.78 -15.82 -26.20
C LYS B 344 13.95 -15.74 -25.22
N LEU B 345 13.80 -14.99 -24.13
CA LEU B 345 14.92 -14.81 -23.22
C LEU B 345 15.17 -16.05 -22.37
N LEU B 346 14.12 -16.82 -22.08
CA LEU B 346 14.35 -18.10 -21.42
C LEU B 346 15.25 -18.98 -22.29
N LYS B 347 15.01 -18.99 -23.61
CA LYS B 347 15.86 -19.78 -24.51
C LYS B 347 17.26 -19.17 -24.59
N ASP B 348 17.34 -17.87 -24.88
CA ASP B 348 18.63 -17.24 -25.18
C ASP B 348 19.53 -17.18 -23.95
N LEU B 349 18.97 -16.81 -22.79
CA LEU B 349 19.78 -16.52 -21.61
C LEU B 349 19.85 -17.68 -20.63
N PHE B 350 18.92 -18.62 -20.68
CA PHE B 350 18.87 -19.70 -19.73
C PHE B 350 18.93 -21.09 -20.36
N GLY B 351 18.80 -21.20 -21.68
CA GLY B 351 18.75 -22.51 -22.30
C GLY B 351 17.49 -23.27 -22.03
N ILE B 352 16.41 -22.58 -21.66
CA ILE B 352 15.14 -23.19 -21.31
C ILE B 352 14.15 -23.01 -22.47
N SER B 353 13.52 -24.11 -22.88
CA SER B 353 12.44 -24.08 -23.85
C SER B 353 11.12 -24.17 -23.09
N ALA B 354 10.29 -23.14 -23.21
CA ALA B 354 9.06 -23.07 -22.43
C ALA B 354 8.00 -22.37 -23.26
N LYS B 355 6.76 -22.84 -23.13
CA LYS B 355 5.60 -22.22 -23.76
C LYS B 355 4.61 -21.66 -22.76
N LYS B 356 4.34 -22.40 -21.68
CA LYS B 356 3.42 -21.99 -20.64
C LYS B 356 4.16 -21.85 -19.32
N PHE B 357 3.54 -21.14 -18.37
CA PHE B 357 4.23 -20.78 -17.14
C PHE B 357 4.78 -22.00 -16.40
N ARG B 358 4.01 -23.09 -16.32
CA ARG B 358 4.47 -24.24 -15.56
C ARG B 358 5.67 -24.92 -16.19
N ASP B 359 5.98 -24.62 -17.45
CA ASP B 359 7.17 -25.18 -18.11
C ASP B 359 8.46 -24.69 -17.45
N LEU B 360 8.40 -23.69 -16.58
CA LEU B 360 9.57 -23.35 -15.79
C LEU B 360 9.91 -24.46 -14.81
N GLY B 361 8.93 -25.28 -14.45
CA GLY B 361 9.04 -26.32 -13.42
C GLY B 361 8.80 -25.75 -12.04
N GLU B 362 8.33 -26.63 -11.15
CA GLU B 362 7.93 -26.22 -9.81
C GLU B 362 9.09 -25.57 -9.05
N GLU B 363 10.29 -26.13 -9.15
CA GLU B 363 11.41 -25.63 -8.34
C GLU B 363 11.80 -24.21 -8.72
N ALA B 364 11.98 -23.94 -10.01
CA ALA B 364 12.38 -22.61 -10.45
C ALA B 364 11.26 -21.58 -10.30
N ALA B 365 10.01 -21.99 -10.49
CA ALA B 365 8.89 -21.04 -10.32
C ALA B 365 8.76 -20.61 -8.87
N PHE B 366 8.76 -21.58 -7.94
CA PHE B 366 8.71 -21.32 -6.51
C PHE B 366 10.12 -21.04 -5.99
N SER B 367 10.65 -19.88 -6.37
CA SER B 367 11.99 -19.49 -5.95
C SER B 367 12.02 -17.99 -5.79
N LEU B 368 13.11 -17.51 -5.19
CA LEU B 368 13.29 -16.07 -5.01
C LEU B 368 13.14 -15.34 -6.34
N MET B 369 13.95 -15.72 -7.35
CA MET B 369 13.88 -15.01 -8.63
CA MET B 369 13.89 -15.01 -8.63
C MET B 369 12.64 -15.39 -9.42
N GLY B 370 12.12 -16.61 -9.23
CA GLY B 370 10.91 -17.02 -9.92
C GLY B 370 9.73 -16.13 -9.58
N ARG B 371 9.67 -15.64 -8.34
CA ARG B 371 8.57 -14.75 -7.95
C ARG B 371 8.67 -13.39 -8.63
N HIS B 372 9.89 -12.88 -8.87
CA HIS B 372 10.05 -11.67 -9.68
C HIS B 372 9.65 -11.91 -11.14
N VAL B 373 10.05 -13.06 -11.71
CA VAL B 373 9.65 -13.40 -13.08
C VAL B 373 8.14 -13.50 -13.20
N ALA B 374 7.49 -14.19 -12.25
CA ALA B 374 6.04 -14.35 -12.30
C ALA B 374 5.34 -13.00 -12.29
N ARG B 375 5.85 -12.05 -11.50
CA ARG B 375 5.24 -10.73 -11.41
C ARG B 375 5.39 -9.97 -12.73
N ALA B 376 6.54 -10.09 -13.38
CA ALA B 376 6.74 -9.44 -14.67
C ALA B 376 5.85 -10.07 -15.74
N GLU B 377 5.79 -11.41 -15.77
CA GLU B 377 4.89 -12.09 -16.71
C GLU B 377 3.44 -11.70 -16.48
N GLU B 378 3.03 -11.59 -15.21
CA GLU B 378 1.63 -11.24 -14.95
C GLU B 378 1.33 -9.83 -15.40
N THR B 379 2.29 -8.91 -15.25
CA THR B 379 2.11 -7.56 -15.76
C THR B 379 1.82 -7.59 -17.27
N TYR B 380 2.62 -8.35 -18.02
CA TYR B 380 2.36 -8.51 -19.45
C TYR B 380 0.98 -9.11 -19.72
N TYR B 381 0.60 -10.12 -18.93
CA TYR B 381 -0.71 -10.75 -19.09
C TYR B 381 -1.84 -9.73 -18.88
N MET B 382 -1.69 -8.85 -17.90
N MET B 382 -1.68 -8.84 -17.90
CA MET B 382 -2.72 -7.85 -17.63
CA MET B 382 -2.71 -7.84 -17.63
C MET B 382 -2.91 -6.87 -18.79
C MET B 382 -2.90 -6.87 -18.79
N LEU B 383 -1.84 -6.61 -19.56
CA LEU B 383 -1.98 -5.74 -20.73
C LEU B 383 -3.09 -6.25 -21.66
N GLY B 384 -3.08 -7.55 -21.97
CA GLY B 384 -4.09 -8.07 -22.87
C GLY B 384 -5.49 -8.00 -22.29
N ALA B 385 -5.63 -8.18 -20.97
CA ALA B 385 -6.93 -8.05 -20.32
C ALA B 385 -7.45 -6.62 -20.45
N ILE B 386 -6.59 -5.64 -20.16
CA ILE B 386 -7.01 -4.25 -20.24
C ILE B 386 -7.36 -3.88 -21.68
N GLU B 387 -6.56 -4.35 -22.64
CA GLU B 387 -6.88 -4.11 -24.03
C GLU B 387 -8.27 -4.66 -24.39
N GLY B 388 -8.60 -5.86 -23.89
CA GLY B 388 -9.91 -6.43 -24.14
C GLY B 388 -11.04 -5.60 -23.54
N TRP B 389 -10.85 -5.12 -22.30
CA TRP B 389 -11.85 -4.27 -21.65
C TRP B 389 -12.05 -2.95 -22.38
N LEU B 390 -10.98 -2.38 -22.95
CA LEU B 390 -11.12 -1.16 -23.74
C LEU B 390 -11.95 -1.39 -25.01
N LYS B 391 -11.95 -2.61 -25.54
CA LYS B 391 -12.80 -2.92 -26.69
C LYS B 391 -14.23 -3.21 -26.28
N GLU B 392 -14.42 -3.75 -25.06
CA GLU B 392 -15.71 -4.23 -24.59
C GLU B 392 -16.54 -3.09 -24.01
N ILE B 393 -15.91 -2.11 -23.36
CA ILE B 393 -16.64 -1.02 -22.71
C ILE B 393 -17.46 -0.25 -23.74
N LYS B 394 -18.60 0.30 -23.30
CA LYS B 394 -19.48 1.09 -24.15
C LYS B 394 -19.54 2.50 -23.57
N ALA B 395 -18.97 3.47 -24.28
CA ALA B 395 -19.05 4.85 -23.82
C ALA B 395 -20.53 5.23 -23.64
N GLY B 396 -20.83 5.92 -22.54
CA GLY B 396 -22.16 6.47 -22.31
C GLY B 396 -23.16 5.56 -21.62
N GLU B 397 -22.89 4.27 -21.48
CA GLU B 397 -23.85 3.35 -20.86
C GLU B 397 -23.70 3.33 -19.34
N ASP B 398 -24.84 3.26 -18.64
CA ASP B 398 -24.85 3.42 -17.19
C ASP B 398 -24.02 2.33 -16.51
N THR B 399 -23.38 2.74 -15.43
CA THR B 399 -22.45 1.91 -14.69
C THR B 399 -22.87 1.64 -13.25
N VAL B 400 -24.00 2.16 -12.78
CA VAL B 400 -24.35 2.02 -11.36
C VAL B 400 -25.86 1.82 -11.18
N VAL B 401 -26.22 1.07 -10.14
CA VAL B 401 -27.55 1.09 -9.56
C VAL B 401 -27.46 1.67 -8.15
N MET B 402 -28.61 2.11 -7.61
CA MET B 402 -28.70 2.77 -6.31
C MET B 402 -29.57 1.94 -5.37
N PRO B 403 -28.99 0.96 -4.67
CA PRO B 403 -29.80 0.07 -3.84
C PRO B 403 -30.02 0.60 -2.43
N ALA B 404 -31.19 0.27 -1.90
CA ALA B 404 -31.50 0.59 -0.51
C ALA B 404 -30.65 -0.25 0.44
N VAL B 405 -30.30 0.35 1.57
CA VAL B 405 -29.52 -0.39 2.59
C VAL B 405 -30.41 -1.42 3.25
N PRO B 406 -30.00 -2.68 3.35
CA PRO B 406 -30.81 -3.69 4.04
C PRO B 406 -30.66 -3.58 5.56
N ALA B 407 -31.71 -4.03 6.25
CA ALA B 407 -31.66 -4.09 7.70
C ALA B 407 -30.78 -5.24 8.17
N SER B 408 -30.88 -6.39 7.51
CA SER B 408 -30.22 -7.62 7.95
C SER B 408 -29.72 -8.36 6.71
N ALA B 409 -28.41 -8.63 6.64
CA ALA B 409 -27.82 -9.24 5.45
C ALA B 409 -26.41 -9.66 5.76
N GLU B 410 -25.86 -10.49 4.86
CA GLU B 410 -24.43 -10.78 4.84
C GLU B 410 -23.91 -10.90 3.42
N GLY B 411 -22.61 -10.65 3.24
CA GLY B 411 -22.01 -10.89 1.94
C GLY B 411 -20.50 -11.04 2.04
N THR B 412 -19.93 -11.67 1.00
CA THR B 412 -18.49 -11.90 0.92
C THR B 412 -18.01 -11.48 -0.46
N GLY B 413 -16.94 -10.69 -0.49
CA GLY B 413 -16.28 -10.31 -1.72
C GLY B 413 -14.91 -10.97 -1.80
N PHE B 414 -14.67 -11.66 -2.91
CA PHE B 414 -13.41 -12.32 -3.23
C PHE B 414 -12.75 -11.65 -4.41
N THR B 415 -11.47 -11.32 -4.28
CA THR B 415 -10.69 -10.85 -5.43
C THR B 415 -9.22 -11.18 -5.19
N GLU B 416 -8.37 -10.73 -6.11
CA GLU B 416 -6.92 -10.88 -6.02
C GLU B 416 -6.30 -9.49 -6.03
N ALA B 417 -5.75 -9.10 -4.90
CA ALA B 417 -4.93 -7.90 -4.85
C ALA B 417 -3.63 -8.18 -5.59
N PRO B 418 -2.90 -7.14 -6.00
CA PRO B 418 -1.60 -7.39 -6.65
C PRO B 418 -0.69 -8.33 -5.89
N ARG B 419 -0.77 -8.36 -4.56
CA ARG B 419 0.07 -9.22 -3.76
C ARG B 419 -0.57 -10.58 -3.44
N GLY B 420 -1.87 -10.80 -3.76
CA GLY B 420 -2.49 -12.09 -3.55
C GLY B 420 -3.93 -12.00 -3.11
N SER B 421 -4.44 -13.17 -2.67
CA SER B 421 -5.86 -13.35 -2.44
C SER B 421 -6.38 -12.45 -1.34
N LEU B 422 -7.57 -11.88 -1.58
CA LEU B 422 -8.22 -10.97 -0.66
C LEU B 422 -9.71 -11.28 -0.56
N LEU B 423 -10.22 -11.38 0.65
CA LEU B 423 -11.66 -11.44 0.85
C LEU B 423 -12.07 -10.53 2.00
N HIS B 424 -13.25 -9.93 1.83
CA HIS B 424 -13.92 -9.17 2.87
C HIS B 424 -15.28 -9.81 3.10
N TYR B 425 -15.65 -9.96 4.38
CA TYR B 425 -16.95 -10.48 4.80
C TYR B 425 -17.64 -9.43 5.66
N VAL B 426 -18.90 -9.14 5.34
CA VAL B 426 -19.70 -8.18 6.09
C VAL B 426 -21.01 -8.83 6.54
N LYS B 427 -21.37 -8.57 7.80
CA LYS B 427 -22.68 -8.91 8.34
C LYS B 427 -23.32 -7.62 8.81
N VAL B 428 -24.55 -7.38 8.34
CA VAL B 428 -25.33 -6.17 8.62
C VAL B 428 -26.46 -6.58 9.56
N LYS B 429 -26.67 -5.79 10.62
CA LYS B 429 -27.82 -5.94 11.52
C LYS B 429 -28.29 -4.55 11.91
N ASP B 430 -29.60 -4.35 11.96
CA ASP B 430 -30.18 -3.04 12.23
CA ASP B 430 -30.18 -3.04 12.23
C ASP B 430 -29.59 -1.97 11.29
N SER B 431 -29.35 -2.36 10.05
CA SER B 431 -28.87 -1.49 8.98
C SER B 431 -27.45 -0.96 9.20
N LYS B 432 -26.68 -1.59 10.09
CA LYS B 432 -25.33 -1.15 10.41
CA LYS B 432 -25.33 -1.15 10.41
C LYS B 432 -24.39 -2.35 10.37
N ILE B 433 -23.09 -2.07 10.27
CA ILE B 433 -22.11 -3.16 10.27
C ILE B 433 -22.09 -3.82 11.65
N ASP B 434 -22.46 -5.10 11.69
CA ASP B 434 -22.37 -5.90 12.90
C ASP B 434 -21.01 -6.59 13.02
N ASN B 435 -20.48 -7.09 11.91
CA ASN B 435 -19.14 -7.66 11.87
C ASN B 435 -18.57 -7.40 10.48
N TYR B 436 -17.27 -7.18 10.44
CA TYR B 436 -16.54 -7.03 9.18
C TYR B 436 -15.21 -7.74 9.35
N GLN B 437 -14.94 -8.74 8.53
CA GLN B 437 -13.70 -9.51 8.63
C GLN B 437 -12.94 -9.50 7.32
N ILE B 438 -11.63 -9.30 7.43
CA ILE B 438 -10.72 -9.15 6.30
C ILE B 438 -9.64 -10.22 6.38
N VAL B 439 -9.46 -10.95 5.28
CA VAL B 439 -8.41 -11.95 5.12
C VAL B 439 -7.67 -11.55 3.84
N SER B 440 -6.45 -11.01 3.98
CA SER B 440 -5.74 -10.29 2.91
CA SER B 440 -5.74 -10.29 2.92
C SER B 440 -4.54 -11.07 2.38
N ALA B 441 -3.93 -10.51 1.33
CA ALA B 441 -2.85 -11.20 0.63
C ALA B 441 -1.63 -11.39 1.52
N SER B 442 -1.05 -10.29 2.01
CA SER B 442 0.17 -10.43 2.79
C SER B 442 -0.10 -11.10 4.13
N LEU B 443 -1.36 -11.19 4.55
CA LEU B 443 -1.73 -12.09 5.63
C LEU B 443 -1.33 -13.52 5.31
N TRP B 444 -1.68 -14.00 4.12
CA TRP B 444 -1.30 -15.35 3.72
C TRP B 444 0.21 -15.53 3.62
N ASN B 445 0.95 -14.50 3.20
CA ASN B 445 2.38 -14.66 3.01
C ASN B 445 3.21 -14.43 4.28
N CYS B 446 2.89 -13.40 5.07
CA CYS B 446 3.80 -12.86 6.08
C CYS B 446 3.34 -13.17 7.50
N ASN B 447 2.56 -14.23 7.68
CA ASN B 447 2.01 -14.60 8.97
C ASN B 447 2.99 -15.42 9.81
N PRO B 448 2.71 -15.52 11.12
CA PRO B 448 3.55 -16.30 12.02
C PRO B 448 3.07 -17.74 12.08
N ARG B 449 3.67 -18.54 12.97
CA ARG B 449 3.26 -19.92 13.15
C ARG B 449 1.79 -20.00 13.56
N ASP B 450 1.17 -21.12 13.21
CA ASP B 450 -0.17 -21.46 13.67
C ASP B 450 -0.10 -22.19 15.02
N ASP B 451 -1.27 -22.62 15.50
CA ASP B 451 -1.37 -23.23 16.83
C ASP B 451 -0.65 -24.57 16.91
N MET B 452 -0.35 -25.17 15.76
CA MET B 452 0.39 -26.42 15.68
CA MET B 452 0.37 -26.42 15.68
C MET B 452 1.87 -26.21 15.43
N GLY B 453 2.32 -24.96 15.34
CA GLY B 453 3.73 -24.66 15.14
C GLY B 453 4.19 -24.64 13.70
N GLN B 454 3.29 -24.80 12.73
CA GLN B 454 3.65 -24.73 11.31
C GLN B 454 3.89 -23.27 10.90
N ARG B 455 5.03 -23.02 10.25
CA ARG B 455 5.42 -21.67 9.87
C ARG B 455 4.53 -21.09 8.76
N GLY B 456 4.50 -19.75 8.69
CA GLY B 456 3.90 -19.06 7.57
C GLY B 456 4.72 -19.20 6.29
N ALA B 457 4.12 -18.79 5.18
CA ALA B 457 4.72 -19.10 3.87
C ALA B 457 6.13 -18.50 3.69
N VAL B 458 6.29 -17.22 4.03
CA VAL B 458 7.60 -16.56 3.90
C VAL B 458 8.57 -17.08 4.97
N GLU B 459 8.10 -17.28 6.21
CA GLU B 459 8.96 -17.94 7.20
C GLU B 459 9.55 -19.24 6.66
N GLU B 460 8.73 -20.06 6.00
CA GLU B 460 9.20 -21.35 5.49
C GLU B 460 10.10 -21.16 4.27
N ALA B 461 9.78 -20.19 3.42
CA ALA B 461 10.60 -19.90 2.24
C ALA B 461 11.99 -19.38 2.59
N LEU B 462 12.16 -18.83 3.79
CA LEU B 462 13.48 -18.40 4.25
C LEU B 462 14.38 -19.57 4.58
N ILE B 463 13.82 -20.74 4.89
CA ILE B 463 14.66 -21.89 5.23
C ILE B 463 15.52 -22.25 4.03
N GLY B 464 16.83 -22.39 4.28
CA GLY B 464 17.78 -22.71 3.23
C GLY B 464 18.40 -21.51 2.53
N ILE B 465 17.95 -20.30 2.83
CA ILE B 465 18.52 -19.12 2.16
C ILE B 465 20.00 -18.99 2.54
N PRO B 466 20.89 -18.76 1.57
CA PRO B 466 22.33 -18.68 1.91
C PRO B 466 22.72 -17.38 2.60
N VAL B 467 23.50 -17.51 3.67
CA VAL B 467 24.12 -16.37 4.34
C VAL B 467 25.60 -16.70 4.51
N ASP B 468 26.36 -16.52 3.45
CA ASP B 468 27.80 -16.83 3.48
C ASP B 468 28.61 -15.77 4.18
N ASP B 469 28.02 -14.59 4.40
CA ASP B 469 28.68 -13.50 5.12
C ASP B 469 27.68 -12.93 6.12
N ILE B 470 27.86 -13.27 7.39
CA ILE B 470 26.94 -12.82 8.44
CA ILE B 470 26.96 -12.82 8.46
C ILE B 470 26.97 -11.30 8.60
N GLN B 471 28.07 -10.65 8.22
CA GLN B 471 28.14 -9.20 8.31
C GLN B 471 27.45 -8.50 7.15
N ASN B 472 27.11 -9.22 6.08
CA ASN B 472 26.36 -8.66 4.94
C ASN B 472 25.31 -9.69 4.53
N PRO B 473 24.28 -9.89 5.37
CA PRO B 473 23.32 -10.99 5.16
C PRO B 473 22.19 -10.61 4.19
N VAL B 474 22.58 -10.21 2.97
CA VAL B 474 21.66 -9.53 2.06
C VAL B 474 20.52 -10.43 1.56
N ASN B 475 20.73 -11.73 1.53
CA ASN B 475 19.73 -12.59 0.92
C ASN B 475 18.49 -12.81 1.79
N VAL B 476 18.56 -12.52 3.09
CA VAL B 476 17.39 -12.65 3.95
C VAL B 476 16.28 -11.72 3.48
N ALA B 477 16.58 -10.42 3.43
CA ALA B 477 15.57 -9.49 2.95
C ALA B 477 15.35 -9.59 1.43
N ARG B 478 16.35 -10.02 0.64
CA ARG B 478 16.06 -10.27 -0.77
C ARG B 478 14.93 -11.27 -0.93
N LEU B 479 14.94 -12.34 -0.13
CA LEU B 479 13.88 -13.33 -0.25
C LEU B 479 12.55 -12.72 0.14
N ILE B 480 12.53 -12.00 1.26
CA ILE B 480 11.29 -11.37 1.72
C ILE B 480 10.72 -10.45 0.65
N ARG B 481 11.58 -9.63 0.02
CA ARG B 481 11.10 -8.67 -0.97
C ARG B 481 10.50 -9.36 -2.20
N ALA B 482 10.93 -10.59 -2.52
CA ALA B 482 10.37 -11.27 -3.69
C ALA B 482 8.86 -11.47 -3.56
N PHE B 483 8.35 -11.54 -2.33
CA PHE B 483 6.94 -11.72 -2.05
C PHE B 483 6.17 -10.40 -2.02
N ASP B 484 6.84 -9.26 -2.18
CA ASP B 484 6.19 -7.94 -2.20
C ASP B 484 5.30 -7.75 -0.97
N PRO B 485 5.87 -7.81 0.24
CA PRO B 485 5.04 -7.70 1.45
C PRO B 485 4.40 -6.33 1.61
N CYS B 486 3.17 -6.34 2.10
CA CYS B 486 2.48 -5.11 2.51
C CYS B 486 1.87 -5.41 3.88
N CSD B 486 3.20 -6.35 2.16
CA CSD B 486 2.46 -5.18 2.50
CB CSD B 486 1.41 -4.92 1.41
SG CSD B 486 0.38 -3.52 1.42
C CSD B 486 1.86 -5.44 3.89
O CSD B 486 0.84 -6.10 4.06
OD1 CSD B 486 1.16 -2.43 0.93
OD2 CSD B 486 -0.09 -3.37 2.75
HA CSD B 486 3.17 -4.30 2.59
HB2 CSD B 486 0.77 -5.85 1.32
HB3 CSD B 486 1.96 -4.89 0.43
N LEU B 487 2.54 -4.96 4.93
CA LEU B 487 2.16 -5.29 6.29
C LEU B 487 0.97 -4.50 6.79
N GLY B 488 0.66 -3.36 6.17
CA GLY B 488 -0.61 -2.70 6.46
C GLY B 488 -1.79 -3.61 6.14
N CYS B 489 -1.73 -4.24 4.97
CA CYS B 489 -2.75 -5.24 4.59
C CYS B 489 -2.72 -6.45 5.50
N ALA B 490 -1.53 -6.95 5.82
CA ALA B 490 -1.47 -8.18 6.61
C ALA B 490 -2.15 -8.04 7.96
N VAL B 491 -1.99 -6.89 8.62
CA VAL B 491 -2.51 -6.66 9.97
C VAL B 491 -3.86 -5.97 9.97
N HIS B 492 -4.02 -4.92 9.15
CA HIS B 492 -5.22 -4.09 9.14
C HIS B 492 -5.64 -3.70 10.56
FE1 SF4 C . -20.73 19.30 -3.24
FE2 SF4 C . -21.40 21.95 -2.81
FE3 SF4 C . -22.96 20.45 -4.45
FE4 SF4 C . -20.42 21.18 -5.19
S1 SF4 C . -22.22 22.55 -4.89
S2 SF4 C . -21.41 19.13 -5.47
S3 SF4 C . -19.31 21.10 -3.15
S4 SF4 C . -22.62 20.09 -2.19
FE1 SF4 D . -10.41 15.11 0.08
FE2 SF4 D . -12.76 16.35 -0.69
FE3 SF4 D . -11.44 14.66 -2.41
FE4 SF4 D . -10.39 17.11 -1.88
S1 SF4 D . -12.38 16.71 -2.93
S2 SF4 D . -9.29 15.08 -1.91
S3 SF4 D . -10.98 17.32 0.34
S4 SF4 D . -12.39 14.07 -0.39
FE1 SF4 E . -2.98 6.52 4.73
FE2 SF4 E . -3.35 8.04 7.00
FE3 SF4 E . -4.88 8.50 4.86
FE4 SF4 E . -2.12 9.07 4.72
S1 SF4 E . -3.69 10.07 6.05
S2 SF4 E . -3.46 8.08 3.11
S3 SF4 E . -1.31 7.42 6.10
S4 SF4 E . -4.85 6.53 6.06
FE1 6ML F . -3.21 6.45 4.31
FE2 6ML F . -0.66 8.23 5.57
FE3 6ML F . -4.95 8.34 4.93
FE4 6ML F . -3.61 8.39 7.26
S1 6ML F . -1.08 9.93 4.15
S2 6ML F . -3.83 8.15 3.00
S3 6ML F . -4.41 6.54 6.21
S4 6ML F . -4.18 10.12 6.00
O24 6ML F . -1.77 8.49 7.02
O12 6ML F . -1.42 6.73 4.75
FE FCO G . -2.45 -5.22 -0.19
C1 FCO G . -1.51 -6.64 0.45
N1 FCO G . -0.90 -7.55 0.83
C2 FCO G . -1.99 -5.66 -1.92
N2 FCO G . -1.71 -5.95 -3.02
C3 FCO G . -3.94 -6.24 -0.21
O3 FCO G . -4.83 -6.90 -0.21
NI NI H . -1.33 -3.16 0.45
FE FE2 I . -8.39 -9.89 9.48
S H2S J . -4.80 -2.68 -5.83
HS1 H2S J . -5.36 -2.51 -5.08
HS2 H2S J . -3.93 -2.97 -5.53
#